data_2LNZ
#
_entry.id   2LNZ
#
_entity_poly.entity_id   1
_entity_poly.type   'polypeptide(L)'
_entity_poly.pdbx_seq_one_letter_code
;SVDPTISKEPEAEKSTNSPAPAPPQELTVPWDDIEALLKNNFENDQAAVRQVMERLQKGWSLAK
;
_entity_poly.pdbx_strand_id   A,B
#
# COMPACT_ATOMS: atom_id res chain seq x y z
N GLN A 25 11.24 -8.62 7.72
CA GLN A 25 10.36 -9.43 6.84
C GLN A 25 10.83 -9.33 5.40
N GLU A 26 10.86 -10.46 4.71
CA GLU A 26 11.29 -10.49 3.32
C GLU A 26 10.08 -10.50 2.40
N LEU A 27 9.51 -9.33 2.20
CA LEU A 27 8.29 -9.19 1.41
C LEU A 27 8.45 -8.07 0.39
N THR A 28 8.02 -8.33 -0.82
CA THR A 28 8.08 -7.34 -1.89
C THR A 28 6.69 -6.80 -2.19
N VAL A 29 6.59 -5.48 -2.29
CA VAL A 29 5.34 -4.82 -2.56
C VAL A 29 5.36 -4.22 -3.97
N PRO A 30 4.32 -4.48 -4.78
CA PRO A 30 4.22 -3.88 -6.10
C PRO A 30 3.81 -2.41 -6.03
N TRP A 31 4.80 -1.55 -5.94
CA TRP A 31 4.57 -0.12 -5.81
C TRP A 31 4.07 0.48 -7.11
N ASP A 32 4.40 -0.16 -8.22
CA ASP A 32 3.91 0.27 -9.53
C ASP A 32 2.41 0.04 -9.63
N ASP A 33 1.99 -1.17 -9.29
CA ASP A 33 0.60 -1.56 -9.37
C ASP A 33 -0.22 -0.79 -8.34
N ILE A 34 0.36 -0.59 -7.16
CA ILE A 34 -0.30 0.17 -6.13
C ILE A 34 -0.45 1.63 -6.54
N GLU A 35 0.58 2.19 -7.17
CA GLU A 35 0.50 3.56 -7.66
C GLU A 35 -0.61 3.69 -8.68
N ALA A 36 -0.78 2.66 -9.51
CA ALA A 36 -1.83 2.65 -10.51
C ALA A 36 -3.20 2.56 -9.86
N LEU A 37 -3.28 1.82 -8.77
CA LEU A 37 -4.52 1.66 -8.03
C LEU A 37 -4.92 2.97 -7.38
N LEU A 38 -3.96 3.61 -6.75
CA LEU A 38 -4.19 4.89 -6.09
C LEU A 38 -4.38 5.99 -7.12
N LYS A 39 -3.79 5.80 -8.29
CA LYS A 39 -3.94 6.74 -9.38
C LYS A 39 -5.38 6.74 -9.84
N ASN A 40 -5.93 5.53 -9.98
CA ASN A 40 -7.33 5.34 -10.32
C ASN A 40 -8.24 5.78 -9.18
N ASN A 41 -7.82 5.47 -7.96
CA ASN A 41 -8.59 5.79 -6.76
C ASN A 41 -8.69 7.29 -6.59
N PHE A 42 -7.64 7.99 -6.98
CA PHE A 42 -7.56 9.43 -6.85
C PHE A 42 -7.59 10.08 -8.22
N GLU A 43 -8.32 9.43 -9.14
CA GLU A 43 -8.77 9.96 -10.47
C GLU A 43 -9.09 11.47 -10.55
N ASN A 44 -8.27 12.29 -9.92
CA ASN A 44 -8.44 13.73 -9.87
C ASN A 44 -7.27 14.34 -9.13
N ASP A 45 -6.93 13.74 -8.00
CA ASP A 45 -5.89 14.25 -7.14
C ASP A 45 -4.61 13.42 -7.27
N GLN A 46 -3.83 13.71 -8.30
CA GLN A 46 -2.58 13.01 -8.52
C GLN A 46 -1.61 13.33 -7.40
N ALA A 47 -1.71 14.56 -6.90
CA ALA A 47 -0.97 14.99 -5.73
C ALA A 47 -1.27 14.10 -4.53
N ALA A 48 -2.50 13.60 -4.47
CA ALA A 48 -2.89 12.72 -3.40
C ALA A 48 -2.33 11.34 -3.64
N VAL A 49 -2.30 10.93 -4.91
CA VAL A 49 -1.66 9.67 -5.29
C VAL A 49 -0.22 9.67 -4.81
N ARG A 50 0.45 10.80 -4.98
CA ARG A 50 1.82 10.96 -4.53
C ARG A 50 1.90 10.77 -3.03
N GLN A 51 1.14 11.59 -2.31
CA GLN A 51 1.21 11.62 -0.86
C GLN A 51 0.88 10.27 -0.24
N VAL A 52 -0.05 9.54 -0.83
CA VAL A 52 -0.44 8.25 -0.29
C VAL A 52 0.63 7.20 -0.58
N MET A 53 1.20 7.26 -1.77
CA MET A 53 2.22 6.30 -2.16
C MET A 53 3.50 6.52 -1.37
N GLU A 54 3.82 7.77 -1.12
CA GLU A 54 5.05 8.13 -0.42
C GLU A 54 4.90 7.83 1.08
N ARG A 55 3.67 7.89 1.57
CA ARG A 55 3.42 7.59 2.97
C ARG A 55 3.36 6.07 3.17
N LEU A 56 2.83 5.36 2.19
CA LEU A 56 2.84 3.91 2.20
C LEU A 56 4.28 3.37 2.16
N GLN A 57 5.11 3.98 1.32
CA GLN A 57 6.50 3.54 1.19
C GLN A 57 7.31 3.90 2.44
N LYS A 58 7.14 5.12 2.91
CA LYS A 58 7.82 5.57 4.12
C LYS A 58 7.39 4.69 5.29
N GLY A 59 6.09 4.51 5.41
CA GLY A 59 5.54 3.65 6.44
C GLY A 59 6.05 2.23 6.34
N TRP A 60 6.20 1.73 5.12
CA TRP A 60 6.77 0.41 4.90
C TRP A 60 8.18 0.35 5.47
N SER A 61 8.91 1.45 5.33
CA SER A 61 10.27 1.55 5.84
C SER A 61 10.27 1.76 7.36
N LEU A 62 9.17 2.26 7.90
CA LEU A 62 9.08 2.49 9.34
C LEU A 62 8.59 1.26 10.07
N ALA A 63 7.73 0.50 9.43
CA ALA A 63 7.09 -0.67 10.05
C ALA A 63 7.91 -1.93 9.83
N LYS A 64 9.18 -1.77 9.48
CA LYS A 64 10.06 -2.91 9.29
C LYS A 64 10.46 -3.52 10.63
N GLN B 25 -2.16 14.20 7.33
CA GLN B 25 -2.65 14.17 5.94
C GLN B 25 -4.02 13.52 5.88
N GLU B 26 -4.93 14.10 5.12
CA GLU B 26 -6.28 13.57 4.99
C GLU B 26 -6.39 12.77 3.72
N LEU B 27 -5.91 11.54 3.77
CA LEU B 27 -5.88 10.67 2.60
C LEU B 27 -6.44 9.31 2.94
N THR B 28 -7.27 8.78 2.06
CA THR B 28 -7.86 7.48 2.25
C THR B 28 -7.23 6.46 1.29
N VAL B 29 -6.86 5.31 1.84
CA VAL B 29 -6.24 4.26 1.06
C VAL B 29 -7.21 3.09 0.91
N PRO B 30 -7.40 2.58 -0.32
CA PRO B 30 -8.24 1.42 -0.56
C PRO B 30 -7.54 0.13 -0.13
N TRP B 31 -7.71 -0.23 1.13
CA TRP B 31 -7.06 -1.41 1.69
C TRP B 31 -7.67 -2.69 1.15
N ASP B 32 -8.92 -2.61 0.73
CA ASP B 32 -9.59 -3.76 0.12
C ASP B 32 -8.97 -4.07 -1.24
N ASP B 33 -8.84 -3.03 -2.05
CA ASP B 33 -8.30 -3.18 -3.40
C ASP B 33 -6.82 -3.54 -3.33
N ILE B 34 -6.12 -2.95 -2.38
CA ILE B 34 -4.72 -3.26 -2.19
C ILE B 34 -4.54 -4.70 -1.73
N GLU B 35 -5.41 -5.16 -0.83
CA GLU B 35 -5.35 -6.54 -0.38
C GLU B 35 -5.57 -7.48 -1.55
N ALA B 36 -6.45 -7.09 -2.48
CA ALA B 36 -6.72 -7.90 -3.65
C ALA B 36 -5.51 -7.92 -4.58
N LEU B 37 -4.81 -6.79 -4.64
CA LEU B 37 -3.63 -6.67 -5.48
C LEU B 37 -2.51 -7.53 -4.94
N LEU B 38 -2.31 -7.47 -3.63
CA LEU B 38 -1.28 -8.25 -2.97
C LEU B 38 -1.68 -9.72 -2.93
N LYS B 39 -2.97 -9.96 -2.93
CA LYS B 39 -3.49 -11.32 -2.95
C LYS B 39 -3.12 -11.97 -4.26
N ASN B 40 -3.31 -11.22 -5.34
CA ASN B 40 -2.93 -11.64 -6.67
C ASN B 40 -1.40 -11.70 -6.80
N ASN B 41 -0.74 -10.72 -6.22
CA ASN B 41 0.71 -10.62 -6.28
C ASN B 41 1.37 -11.79 -5.57
N PHE B 42 0.71 -12.25 -4.52
CA PHE B 42 1.20 -13.34 -3.70
C PHE B 42 0.31 -14.56 -3.85
N GLU B 43 -0.25 -14.70 -5.07
CA GLU B 43 -0.93 -15.92 -5.61
C GLU B 43 -0.38 -17.29 -5.14
N ASN B 44 -0.06 -17.40 -3.87
CA ASN B 44 0.52 -18.60 -3.29
C ASN B 44 0.68 -18.38 -1.78
N ASP B 45 1.24 -17.24 -1.44
CA ASP B 45 1.54 -16.92 -0.06
C ASP B 45 0.53 -15.93 0.51
N GLN B 46 -0.61 -16.44 0.93
CA GLN B 46 -1.65 -15.61 1.53
C GLN B 46 -1.15 -15.03 2.84
N ALA B 47 -0.33 -15.82 3.52
CA ALA B 47 0.36 -15.37 4.73
C ALA B 47 1.21 -14.13 4.44
N ALA B 48 1.74 -14.06 3.22
CA ALA B 48 2.56 -12.93 2.82
C ALA B 48 1.66 -11.75 2.52
N VAL B 49 0.50 -12.04 1.91
CA VAL B 49 -0.51 -11.01 1.68
C VAL B 49 -0.87 -10.33 3.01
N ARG B 50 -1.02 -11.15 4.04
CA ARG B 50 -1.31 -10.64 5.37
C ARG B 50 -0.20 -9.72 5.85
N GLN B 51 1.01 -10.27 5.88
CA GLN B 51 2.16 -9.56 6.43
C GLN B 51 2.40 -8.24 5.70
N VAL B 52 2.19 -8.21 4.40
CA VAL B 52 2.46 -7.02 3.62
C VAL B 52 1.36 -5.99 3.86
N MET B 53 0.11 -6.44 3.96
CA MET B 53 -1.01 -5.55 4.18
C MET B 53 -0.96 -4.95 5.58
N GLU B 54 -0.55 -5.77 6.54
CA GLU B 54 -0.51 -5.34 7.93
C GLU B 54 0.67 -4.41 8.16
N ARG B 55 1.72 -4.58 7.37
CA ARG B 55 2.89 -3.71 7.48
C ARG B 55 2.64 -2.40 6.76
N LEU B 56 1.90 -2.46 5.65
CA LEU B 56 1.47 -1.26 4.95
C LEU B 56 0.54 -0.41 5.82
N GLN B 57 -0.37 -1.07 6.51
CA GLN B 57 -1.33 -0.37 7.36
C GLN B 57 -0.65 0.20 8.60
N LYS B 58 0.18 -0.62 9.24
CA LYS B 58 0.94 -0.18 10.39
C LYS B 58 1.84 0.98 10.01
N GLY B 59 2.56 0.81 8.92
CA GLY B 59 3.41 1.86 8.40
C GLY B 59 2.65 3.11 8.06
N TRP B 60 1.44 2.97 7.54
CA TRP B 60 0.58 4.10 7.27
C TRP B 60 0.29 4.85 8.58
N SER B 61 0.12 4.10 9.64
CA SER B 61 -0.13 4.67 10.96
C SER B 61 1.15 5.26 11.57
N LEU B 62 2.30 4.79 11.10
CA LEU B 62 3.57 5.28 11.62
C LEU B 62 4.05 6.51 10.87
N ALA B 63 3.75 6.55 9.58
CA ALA B 63 4.22 7.62 8.71
C ALA B 63 3.25 8.79 8.68
N LYS B 64 2.36 8.86 9.65
CA LYS B 64 1.42 9.98 9.73
C LYS B 64 2.13 11.24 10.21
N GLN A 25 11.46 -9.31 7.38
CA GLN A 25 10.36 -9.61 6.44
C GLN A 25 10.83 -9.42 5.01
N GLU A 26 10.92 -10.51 4.27
CA GLU A 26 11.44 -10.47 2.91
C GLU A 26 10.28 -10.35 1.94
N LEU A 27 9.44 -9.36 2.19
CA LEU A 27 8.23 -9.16 1.43
C LEU A 27 8.41 -8.04 0.42
N THR A 28 8.01 -8.28 -0.82
CA THR A 28 8.09 -7.28 -1.85
C THR A 28 6.70 -6.74 -2.19
N VAL A 29 6.60 -5.43 -2.29
CA VAL A 29 5.34 -4.77 -2.58
C VAL A 29 5.35 -4.20 -3.98
N PRO A 30 4.30 -4.47 -4.78
CA PRO A 30 4.19 -3.90 -6.12
C PRO A 30 3.80 -2.42 -6.05
N TRP A 31 4.80 -1.57 -5.99
CA TRP A 31 4.59 -0.14 -5.84
C TRP A 31 4.05 0.50 -7.12
N ASP A 32 4.38 -0.09 -8.26
CA ASP A 32 3.89 0.44 -9.53
C ASP A 32 2.40 0.14 -9.69
N ASP A 33 2.02 -1.09 -9.38
CA ASP A 33 0.62 -1.49 -9.50
C ASP A 33 -0.23 -0.81 -8.44
N ILE A 34 0.36 -0.62 -7.26
CA ILE A 34 -0.31 0.10 -6.19
C ILE A 34 -0.50 1.56 -6.58
N GLU A 35 0.55 2.17 -7.14
CA GLU A 35 0.45 3.54 -7.61
C GLU A 35 -0.65 3.68 -8.64
N ALA A 36 -0.81 2.65 -9.48
CA ALA A 36 -1.86 2.65 -10.48
C ALA A 36 -3.23 2.59 -9.83
N LEU A 37 -3.33 1.83 -8.74
CA LEU A 37 -4.58 1.68 -8.03
C LEU A 37 -4.95 2.98 -7.34
N LEU A 38 -3.97 3.61 -6.73
CA LEU A 38 -4.18 4.87 -6.04
C LEU A 38 -4.43 6.00 -7.03
N LYS A 39 -3.86 5.86 -8.21
CA LYS A 39 -4.06 6.85 -9.26
C LYS A 39 -5.50 6.78 -9.75
N ASN A 40 -6.01 5.56 -9.87
CA ASN A 40 -7.41 5.35 -10.20
C ASN A 40 -8.31 5.78 -9.04
N ASN A 41 -7.85 5.51 -7.83
CA ASN A 41 -8.60 5.84 -6.63
C ASN A 41 -8.71 7.35 -6.45
N PHE A 42 -7.67 8.05 -6.84
CA PHE A 42 -7.58 9.49 -6.69
C PHE A 42 -7.66 10.17 -8.05
N GLU A 43 -8.40 9.54 -8.96
CA GLU A 43 -8.86 10.13 -10.27
C GLU A 43 -9.29 11.62 -10.22
N ASN A 44 -8.55 12.43 -9.50
CA ASN A 44 -8.79 13.86 -9.38
C ASN A 44 -7.59 14.51 -8.69
N ASP A 45 -7.11 13.84 -7.65
CA ASP A 45 -5.99 14.34 -6.87
C ASP A 45 -4.74 13.50 -7.11
N GLN A 46 -4.00 13.83 -8.15
CA GLN A 46 -2.77 13.12 -8.48
C GLN A 46 -1.72 13.35 -7.41
N ALA A 47 -1.68 14.59 -6.93
CA ALA A 47 -0.83 14.94 -5.80
C ALA A 47 -1.15 14.08 -4.58
N ALA A 48 -2.38 13.62 -4.48
CA ALA A 48 -2.78 12.77 -3.37
C ALA A 48 -2.28 11.36 -3.62
N VAL A 49 -2.30 10.95 -4.88
CA VAL A 49 -1.69 9.68 -5.28
C VAL A 49 -0.25 9.64 -4.83
N ARG A 50 0.45 10.74 -5.07
CA ARG A 50 1.85 10.86 -4.69
C ARG A 50 2.02 10.75 -3.18
N GLN A 51 1.22 11.53 -2.46
CA GLN A 51 1.29 11.56 -1.01
C GLN A 51 1.01 10.19 -0.38
N VAL A 52 0.02 9.48 -0.93
CA VAL A 52 -0.37 8.21 -0.34
C VAL A 52 0.67 7.15 -0.64
N MET A 53 1.25 7.22 -1.84
CA MET A 53 2.29 6.28 -2.21
C MET A 53 3.53 6.49 -1.36
N GLU A 54 3.86 7.74 -1.11
CA GLU A 54 5.07 8.07 -0.36
C GLU A 54 4.89 7.74 1.11
N ARG A 55 3.66 7.80 1.58
CA ARG A 55 3.37 7.50 2.97
C ARG A 55 3.34 5.99 3.18
N LEU A 56 2.82 5.27 2.19
CA LEU A 56 2.86 3.81 2.19
C LEU A 56 4.31 3.31 2.14
N GLN A 57 5.14 3.95 1.32
CA GLN A 57 6.54 3.57 1.17
C GLN A 57 7.33 3.88 2.44
N LYS A 58 7.16 5.10 2.94
CA LYS A 58 7.81 5.53 4.16
C LYS A 58 7.39 4.65 5.32
N GLY A 59 6.09 4.46 5.44
CA GLY A 59 5.55 3.58 6.45
C GLY A 59 6.06 2.16 6.33
N TRP A 60 6.21 1.69 5.10
CA TRP A 60 6.78 0.37 4.85
C TRP A 60 8.18 0.29 5.44
N SER A 61 8.92 1.39 5.32
CA SER A 61 10.27 1.48 5.85
C SER A 61 10.26 1.60 7.37
N LEU A 62 9.18 2.15 7.92
CA LEU A 62 9.07 2.37 9.35
C LEU A 62 8.60 1.10 10.06
N ALA A 63 7.70 0.38 9.41
CA ALA A 63 7.09 -0.80 9.99
C ALA A 63 7.84 -2.06 9.58
N LYS A 64 9.14 -1.93 9.37
CA LYS A 64 9.97 -3.05 8.94
C LYS A 64 10.01 -4.14 10.01
N GLN B 25 -2.73 14.66 7.08
CA GLN B 25 -3.01 14.12 5.74
C GLN B 25 -4.34 13.40 5.74
N GLU B 26 -5.31 13.96 5.04
CA GLU B 26 -6.66 13.42 5.00
C GLU B 26 -6.81 12.49 3.82
N LEU B 27 -5.88 11.55 3.71
CA LEU B 27 -5.81 10.65 2.58
C LEU B 27 -6.38 9.29 2.95
N THR B 28 -7.25 8.75 2.10
CA THR B 28 -7.82 7.44 2.31
C THR B 28 -7.21 6.43 1.34
N VAL B 29 -6.84 5.28 1.88
CA VAL B 29 -6.23 4.23 1.09
C VAL B 29 -7.20 3.07 0.92
N PRO B 30 -7.37 2.58 -0.32
CA PRO B 30 -8.23 1.42 -0.57
C PRO B 30 -7.53 0.13 -0.14
N TRP B 31 -7.75 -0.23 1.11
CA TRP B 31 -7.10 -1.40 1.70
C TRP B 31 -7.65 -2.70 1.14
N ASP B 32 -8.91 -2.69 0.74
CA ASP B 32 -9.52 -3.89 0.18
C ASP B 32 -8.98 -4.18 -1.21
N ASP B 33 -8.89 -3.14 -2.02
CA ASP B 33 -8.39 -3.27 -3.38
C ASP B 33 -6.89 -3.56 -3.37
N ILE B 34 -6.19 -2.96 -2.42
CA ILE B 34 -4.78 -3.22 -2.25
C ILE B 34 -4.56 -4.65 -1.81
N GLU B 35 -5.37 -5.12 -0.85
CA GLU B 35 -5.29 -6.50 -0.41
C GLU B 35 -5.51 -7.45 -1.57
N ALA B 36 -6.40 -7.08 -2.47
CA ALA B 36 -6.67 -7.89 -3.66
C ALA B 36 -5.45 -7.92 -4.57
N LEU B 37 -4.77 -6.79 -4.67
CA LEU B 37 -3.59 -6.69 -5.51
C LEU B 37 -2.45 -7.52 -4.94
N LEU B 38 -2.29 -7.45 -3.63
CA LEU B 38 -1.24 -8.20 -2.95
C LEU B 38 -1.57 -9.68 -2.92
N LYS B 39 -2.86 -9.99 -2.92
CA LYS B 39 -3.31 -11.37 -2.96
C LYS B 39 -2.98 -11.98 -4.31
N ASN B 40 -3.18 -11.21 -5.36
CA ASN B 40 -2.79 -11.60 -6.69
C ASN B 40 -1.27 -11.65 -6.82
N ASN B 41 -0.60 -10.70 -6.18
CA ASN B 41 0.85 -10.60 -6.23
C ASN B 41 1.50 -11.79 -5.52
N PHE B 42 0.86 -12.24 -4.46
CA PHE B 42 1.36 -13.31 -3.63
C PHE B 42 0.51 -14.56 -3.80
N GLU B 43 -0.02 -14.73 -5.01
CA GLU B 43 -0.66 -15.98 -5.51
C GLU B 43 0.03 -17.31 -5.12
N ASN B 44 0.47 -17.38 -3.89
CA ASN B 44 1.12 -18.56 -3.33
C ASN B 44 1.25 -18.40 -1.83
N ASP B 45 1.64 -17.19 -1.42
CA ASP B 45 1.84 -16.88 -0.01
C ASP B 45 0.75 -15.95 0.49
N GLN B 46 -0.37 -16.52 0.92
CA GLN B 46 -1.48 -15.72 1.44
C GLN B 46 -1.08 -15.07 2.75
N ALA B 47 -0.36 -15.83 3.56
CA ALA B 47 0.23 -15.32 4.79
C ALA B 47 1.11 -14.11 4.52
N ALA B 48 1.69 -14.05 3.33
CA ALA B 48 2.53 -12.92 2.96
C ALA B 48 1.66 -11.75 2.58
N VAL B 49 0.53 -12.03 1.94
CA VAL B 49 -0.48 -11.02 1.67
C VAL B 49 -0.89 -10.32 2.97
N ARG B 50 -1.10 -11.14 4.00
CA ARG B 50 -1.49 -10.63 5.29
C ARG B 50 -0.39 -9.76 5.87
N GLN B 51 0.83 -10.26 5.86
CA GLN B 51 1.98 -9.55 6.42
C GLN B 51 2.21 -8.22 5.72
N VAL B 52 2.07 -8.20 4.40
CA VAL B 52 2.37 -6.99 3.65
C VAL B 52 1.28 -5.96 3.86
N MET B 53 0.04 -6.42 3.97
CA MET B 53 -1.08 -5.53 4.22
C MET B 53 -0.98 -4.92 5.59
N GLU B 54 -0.56 -5.72 6.57
CA GLU B 54 -0.49 -5.27 7.95
C GLU B 54 0.69 -4.33 8.15
N ARG B 55 1.72 -4.50 7.34
CA ARG B 55 2.90 -3.65 7.42
C ARG B 55 2.63 -2.33 6.72
N LEU B 56 1.88 -2.39 5.61
CA LEU B 56 1.42 -1.18 4.94
C LEU B 56 0.50 -0.36 5.83
N GLN B 57 -0.40 -1.04 6.54
CA GLN B 57 -1.36 -0.38 7.42
C GLN B 57 -0.64 0.22 8.63
N LYS B 58 0.20 -0.58 9.26
CA LYS B 58 0.97 -0.14 10.40
C LYS B 58 1.85 1.03 10.01
N GLY B 59 2.57 0.86 8.91
CA GLY B 59 3.40 1.91 8.39
C GLY B 59 2.62 3.17 8.05
N TRP B 60 1.41 2.99 7.54
CA TRP B 60 0.52 4.11 7.26
C TRP B 60 0.24 4.88 8.55
N SER B 61 0.10 4.14 9.63
CA SER B 61 -0.15 4.73 10.95
C SER B 61 1.11 5.38 11.50
N LEU B 62 2.27 4.88 11.09
CA LEU B 62 3.55 5.38 11.59
C LEU B 62 3.99 6.62 10.82
N ALA B 63 3.71 6.63 9.53
CA ALA B 63 4.14 7.70 8.64
C ALA B 63 3.05 8.75 8.48
N LYS B 64 2.26 8.93 9.52
CA LYS B 64 1.16 9.88 9.49
C LYS B 64 1.65 11.32 9.34
N GLN A 25 11.13 -6.75 7.60
CA GLN A 25 10.43 -7.89 6.99
C GLN A 25 10.82 -8.04 5.53
N GLU A 26 11.02 -9.28 5.10
CA GLU A 26 11.45 -9.55 3.74
C GLU A 26 10.24 -9.77 2.83
N LEU A 27 9.57 -8.69 2.50
CA LEU A 27 8.37 -8.74 1.68
C LEU A 27 8.45 -7.69 0.57
N THR A 28 8.02 -8.06 -0.62
CA THR A 28 8.05 -7.15 -1.75
C THR A 28 6.65 -6.64 -2.07
N VAL A 29 6.55 -5.34 -2.24
CA VAL A 29 5.28 -4.71 -2.58
C VAL A 29 5.33 -4.13 -4.00
N PRO A 30 4.29 -4.39 -4.81
CA PRO A 30 4.19 -3.81 -6.14
C PRO A 30 3.79 -2.35 -6.05
N TRP A 31 4.79 -1.49 -5.97
CA TRP A 31 4.56 -0.06 -5.83
C TRP A 31 4.04 0.56 -7.11
N ASP A 32 4.38 -0.05 -8.24
CA ASP A 32 3.91 0.44 -9.52
C ASP A 32 2.42 0.16 -9.68
N ASP A 33 2.03 -1.07 -9.36
CA ASP A 33 0.63 -1.48 -9.45
C ASP A 33 -0.21 -0.73 -8.43
N ILE A 34 0.35 -0.54 -7.23
CA ILE A 34 -0.34 0.19 -6.19
C ILE A 34 -0.51 1.65 -6.59
N GLU A 35 0.53 2.24 -7.16
CA GLU A 35 0.44 3.61 -7.65
C GLU A 35 -0.67 3.74 -8.67
N ALA A 36 -0.82 2.74 -9.53
CA ALA A 36 -1.85 2.75 -10.54
C ALA A 36 -3.24 2.64 -9.90
N LEU A 37 -3.31 1.87 -8.83
CA LEU A 37 -4.57 1.69 -8.11
C LEU A 37 -4.97 2.99 -7.43
N LEU A 38 -4.01 3.63 -6.80
CA LEU A 38 -4.25 4.89 -6.10
C LEU A 38 -4.46 6.01 -7.10
N LYS A 39 -3.89 5.86 -8.27
CA LYS A 39 -4.09 6.82 -9.34
C LYS A 39 -5.54 6.79 -9.78
N ASN A 40 -6.08 5.58 -9.87
CA ASN A 40 -7.50 5.39 -10.15
C ASN A 40 -8.35 5.85 -8.97
N ASN A 41 -7.89 5.54 -7.77
CA ASN A 41 -8.60 5.87 -6.54
C ASN A 41 -8.68 7.38 -6.36
N PHE A 42 -7.68 8.07 -6.84
CA PHE A 42 -7.57 9.51 -6.71
C PHE A 42 -7.56 10.18 -8.09
N GLU A 43 -8.26 9.54 -9.04
CA GLU A 43 -8.62 10.11 -10.38
C GLU A 43 -9.02 11.61 -10.41
N ASN A 44 -8.32 12.42 -9.66
CA ASN A 44 -8.56 13.84 -9.55
C ASN A 44 -7.42 14.48 -8.75
N ASP A 45 -7.02 13.81 -7.69
CA ASP A 45 -5.95 14.28 -6.83
C ASP A 45 -4.69 13.44 -7.03
N GLN A 46 -3.95 13.73 -8.09
CA GLN A 46 -2.69 13.03 -8.34
C GLN A 46 -1.69 13.36 -7.24
N ALA A 47 -1.79 14.59 -6.75
CA ALA A 47 -1.01 15.01 -5.58
C ALA A 47 -1.27 14.09 -4.39
N ALA A 48 -2.47 13.56 -4.31
CA ALA A 48 -2.83 12.65 -3.24
C ALA A 48 -2.28 11.28 -3.54
N VAL A 49 -2.29 10.90 -4.81
CA VAL A 49 -1.67 9.65 -5.25
C VAL A 49 -0.21 9.61 -4.82
N ARG A 50 0.47 10.74 -5.02
CA ARG A 50 1.86 10.86 -4.63
C ARG A 50 2.02 10.72 -3.13
N GLN A 51 1.23 11.49 -2.38
CA GLN A 51 1.33 11.52 -0.93
C GLN A 51 1.01 10.16 -0.32
N VAL A 52 0.04 9.45 -0.89
CA VAL A 52 -0.36 8.17 -0.34
C VAL A 52 0.69 7.12 -0.68
N MET A 53 1.28 7.24 -1.86
CA MET A 53 2.33 6.33 -2.29
C MET A 53 3.55 6.48 -1.38
N GLU A 54 3.93 7.72 -1.13
CA GLU A 54 5.13 8.00 -0.37
C GLU A 54 4.94 7.72 1.10
N ARG A 55 3.69 7.80 1.56
CA ARG A 55 3.38 7.51 2.95
C ARG A 55 3.37 6.00 3.16
N LEU A 56 2.83 5.27 2.19
CA LEU A 56 2.88 3.81 2.20
C LEU A 56 4.32 3.31 2.15
N GLN A 57 5.15 3.96 1.34
CA GLN A 57 6.56 3.57 1.18
C GLN A 57 7.35 3.85 2.45
N LYS A 58 7.21 5.06 2.96
CA LYS A 58 7.88 5.47 4.18
C LYS A 58 7.44 4.60 5.33
N GLY A 59 6.13 4.45 5.46
CA GLY A 59 5.57 3.58 6.47
C GLY A 59 6.04 2.15 6.34
N TRP A 60 6.20 1.70 5.11
CA TRP A 60 6.74 0.37 4.83
C TRP A 60 8.14 0.24 5.44
N SER A 61 8.91 1.32 5.33
CA SER A 61 10.25 1.35 5.88
C SER A 61 10.24 1.49 7.40
N LEU A 62 9.15 2.07 7.91
CA LEU A 62 9.02 2.31 9.35
C LEU A 62 8.54 1.04 10.05
N ALA A 63 7.68 0.31 9.39
CA ALA A 63 7.09 -0.90 9.95
C ALA A 63 7.84 -2.14 9.49
N LYS A 64 9.14 -1.99 9.26
CA LYS A 64 9.98 -3.08 8.79
C LYS A 64 10.03 -4.21 9.82
N GLN B 25 -1.64 12.58 8.16
CA GLN B 25 -2.11 13.01 6.82
C GLN B 25 -3.53 12.53 6.58
N GLU B 26 -4.34 13.39 5.98
CA GLU B 26 -5.74 13.06 5.74
C GLU B 26 -5.92 12.43 4.37
N LEU B 27 -5.52 11.17 4.25
CA LEU B 27 -5.58 10.46 3.00
C LEU B 27 -6.19 9.08 3.21
N THR B 28 -7.04 8.67 2.29
CA THR B 28 -7.69 7.38 2.39
C THR B 28 -7.08 6.39 1.40
N VAL B 29 -6.77 5.20 1.90
CA VAL B 29 -6.20 4.15 1.08
C VAL B 29 -7.19 2.99 0.93
N PRO B 30 -7.39 2.50 -0.29
CA PRO B 30 -8.24 1.34 -0.53
C PRO B 30 -7.52 0.05 -0.11
N TRP B 31 -7.71 -0.30 1.15
CA TRP B 31 -7.05 -1.47 1.72
C TRP B 31 -7.63 -2.76 1.17
N ASP B 32 -8.89 -2.72 0.77
CA ASP B 32 -9.54 -3.90 0.21
C ASP B 32 -8.98 -4.19 -1.18
N ASP B 33 -8.88 -3.14 -1.99
CA ASP B 33 -8.36 -3.26 -3.35
C ASP B 33 -6.88 -3.63 -3.32
N ILE B 34 -6.15 -3.03 -2.38
CA ILE B 34 -4.75 -3.31 -2.23
C ILE B 34 -4.54 -4.75 -1.78
N GLU B 35 -5.35 -5.20 -0.83
CA GLU B 35 -5.31 -6.59 -0.39
C GLU B 35 -5.51 -7.54 -1.56
N ALA B 36 -6.42 -7.18 -2.46
CA ALA B 36 -6.70 -8.00 -3.63
C ALA B 36 -5.50 -8.01 -4.58
N LEU B 37 -4.83 -6.87 -4.67
CA LEU B 37 -3.66 -6.74 -5.53
C LEU B 37 -2.52 -7.58 -4.99
N LEU B 38 -2.31 -7.50 -3.69
CA LEU B 38 -1.25 -8.26 -3.02
C LEU B 38 -1.60 -9.73 -2.96
N LYS B 39 -2.90 -10.02 -2.97
CA LYS B 39 -3.36 -11.40 -3.01
C LYS B 39 -2.97 -12.02 -4.34
N ASN B 40 -3.13 -11.24 -5.40
CA ASN B 40 -2.69 -11.63 -6.73
C ASN B 40 -1.16 -11.68 -6.79
N ASN B 41 -0.53 -10.70 -6.18
CA ASN B 41 0.92 -10.58 -6.18
C ASN B 41 1.56 -11.74 -5.45
N PHE B 42 0.86 -12.24 -4.45
CA PHE B 42 1.34 -13.34 -3.62
C PHE B 42 0.43 -14.55 -3.74
N GLU B 43 -0.16 -14.71 -4.94
CA GLU B 43 -0.89 -15.94 -5.39
C GLU B 43 -0.26 -17.30 -4.98
N ASN B 44 0.23 -17.38 -3.77
CA ASN B 44 0.87 -18.56 -3.22
C ASN B 44 1.12 -18.36 -1.73
N ASP B 45 1.57 -17.17 -1.39
CA ASP B 45 1.83 -16.81 0.00
C ASP B 45 0.79 -15.85 0.52
N GLN B 46 -0.35 -16.37 0.92
CA GLN B 46 -1.42 -15.57 1.49
C GLN B 46 -0.96 -14.99 2.82
N ALA B 47 -0.14 -15.77 3.53
CA ALA B 47 0.52 -15.32 4.73
C ALA B 47 1.33 -14.05 4.47
N ALA B 48 1.86 -13.95 3.27
CA ALA B 48 2.63 -12.77 2.89
C ALA B 48 1.70 -11.62 2.56
N VAL B 49 0.56 -11.95 1.94
CA VAL B 49 -0.48 -10.96 1.68
C VAL B 49 -0.89 -10.29 2.98
N ARG B 50 -1.06 -11.11 4.01
CA ARG B 50 -1.43 -10.61 5.32
C ARG B 50 -0.35 -9.71 5.89
N GLN B 51 0.89 -10.20 5.87
CA GLN B 51 2.00 -9.47 6.44
C GLN B 51 2.27 -8.16 5.72
N VAL B 52 2.09 -8.15 4.41
CA VAL B 52 2.35 -6.94 3.63
C VAL B 52 1.23 -5.94 3.85
N MET B 53 0.01 -6.45 3.99
CA MET B 53 -1.15 -5.61 4.25
C MET B 53 -1.00 -4.92 5.60
N GLU B 54 -0.62 -5.69 6.60
CA GLU B 54 -0.55 -5.20 7.97
C GLU B 54 0.65 -4.29 8.16
N ARG B 55 1.68 -4.50 7.35
CA ARG B 55 2.87 -3.67 7.41
C ARG B 55 2.60 -2.33 6.72
N LEU B 56 1.88 -2.38 5.61
CA LEU B 56 1.42 -1.17 4.93
C LEU B 56 0.49 -0.36 5.83
N GLN B 57 -0.39 -1.04 6.54
CA GLN B 57 -1.35 -0.37 7.43
C GLN B 57 -0.66 0.25 8.63
N LYS B 58 0.18 -0.54 9.28
CA LYS B 58 0.93 -0.06 10.43
C LYS B 58 1.83 1.09 10.03
N GLY B 59 2.56 0.89 8.94
CA GLY B 59 3.40 1.94 8.41
C GLY B 59 2.62 3.17 8.03
N TRP B 60 1.41 2.99 7.53
CA TRP B 60 0.52 4.10 7.22
C TRP B 60 0.26 4.91 8.48
N SER B 61 0.10 4.21 9.59
CA SER B 61 -0.16 4.85 10.88
C SER B 61 1.12 5.48 11.43
N LEU B 62 2.27 4.94 11.02
CA LEU B 62 3.56 5.42 11.51
C LEU B 62 4.00 6.66 10.73
N ALA B 63 3.68 6.68 9.45
CA ALA B 63 4.07 7.76 8.57
C ALA B 63 2.96 8.78 8.42
N LYS B 64 2.15 8.91 9.46
CA LYS B 64 1.01 9.83 9.44
C LYS B 64 1.47 11.28 9.26
N GLN A 25 11.73 -8.38 7.20
CA GLN A 25 10.72 -9.08 6.37
C GLN A 25 11.12 -9.02 4.91
N GLU A 26 11.16 -10.19 4.26
CA GLU A 26 11.58 -10.28 2.87
C GLU A 26 10.38 -10.17 1.95
N LEU A 27 9.55 -9.18 2.21
CA LEU A 27 8.32 -8.99 1.46
C LEU A 27 8.49 -7.83 0.48
N THR A 28 8.06 -8.04 -0.74
CA THR A 28 8.13 -7.02 -1.76
C THR A 28 6.72 -6.54 -2.13
N VAL A 29 6.57 -5.24 -2.25
CA VAL A 29 5.29 -4.64 -2.56
C VAL A 29 5.29 -4.07 -3.97
N PRO A 30 4.26 -4.36 -4.77
CA PRO A 30 4.13 -3.77 -6.10
C PRO A 30 3.72 -2.31 -6.01
N TRP A 31 4.72 -1.45 -5.90
CA TRP A 31 4.51 -0.02 -5.75
C TRP A 31 3.97 0.60 -7.02
N ASP A 32 4.29 0.00 -8.15
CA ASP A 32 3.84 0.53 -9.43
C ASP A 32 2.36 0.26 -9.63
N ASP A 33 1.95 -0.97 -9.34
CA ASP A 33 0.55 -1.36 -9.48
C ASP A 33 -0.31 -0.67 -8.43
N ILE A 34 0.25 -0.52 -7.23
CA ILE A 34 -0.44 0.19 -6.17
C ILE A 34 -0.58 1.66 -6.54
N GLU A 35 0.47 2.24 -7.09
CA GLU A 35 0.42 3.62 -7.56
C GLU A 35 -0.67 3.79 -8.60
N ALA A 36 -0.85 2.79 -9.44
CA ALA A 36 -1.87 2.82 -10.47
C ALA A 36 -3.26 2.73 -9.85
N LEU A 37 -3.36 1.94 -8.78
CA LEU A 37 -4.62 1.78 -8.08
C LEU A 37 -5.00 3.07 -7.38
N LEU A 38 -4.03 3.69 -6.75
CA LEU A 38 -4.25 4.95 -6.06
C LEU A 38 -4.45 6.07 -7.05
N LYS A 39 -3.88 5.89 -8.23
CA LYS A 39 -4.08 6.83 -9.32
C LYS A 39 -5.54 6.84 -9.73
N ASN A 40 -6.10 5.65 -9.84
CA ASN A 40 -7.53 5.48 -10.12
C ASN A 40 -8.37 5.95 -8.94
N ASN A 41 -7.91 5.62 -7.74
CA ASN A 41 -8.61 5.96 -6.51
C ASN A 41 -8.70 7.47 -6.33
N PHE A 42 -7.64 8.14 -6.77
CA PHE A 42 -7.55 9.59 -6.66
C PHE A 42 -7.58 10.22 -8.05
N GLU A 43 -8.33 9.57 -8.94
CA GLU A 43 -8.76 10.09 -10.28
C GLU A 43 -9.15 11.60 -10.33
N ASN A 44 -8.40 12.42 -9.64
CA ASN A 44 -8.62 13.85 -9.59
C ASN A 44 -7.40 14.53 -8.97
N ASP A 45 -6.90 13.96 -7.89
CA ASP A 45 -5.74 14.52 -7.21
C ASP A 45 -4.54 13.57 -7.31
N GLN A 46 -3.74 13.77 -8.34
CA GLN A 46 -2.57 12.93 -8.58
C GLN A 46 -1.49 13.23 -7.55
N ALA A 47 -1.67 14.34 -6.84
CA ALA A 47 -0.74 14.74 -5.81
C ALA A 47 -1.07 14.00 -4.54
N ALA A 48 -2.32 13.58 -4.44
CA ALA A 48 -2.76 12.75 -3.34
C ALA A 48 -2.26 11.35 -3.59
N VAL A 49 -2.27 10.95 -4.85
CA VAL A 49 -1.66 9.69 -5.27
C VAL A 49 -0.20 9.65 -4.81
N ARG A 50 0.50 10.75 -5.05
CA ARG A 50 1.90 10.86 -4.66
C ARG A 50 2.03 10.72 -3.15
N GLN A 51 1.25 11.52 -2.42
CA GLN A 51 1.33 11.56 -0.97
C GLN A 51 1.02 10.19 -0.34
N VAL A 52 0.06 9.48 -0.91
CA VAL A 52 -0.36 8.22 -0.33
C VAL A 52 0.68 7.14 -0.63
N MET A 53 1.27 7.19 -1.81
CA MET A 53 2.28 6.23 -2.19
C MET A 53 3.55 6.41 -1.40
N GLU A 54 3.91 7.67 -1.16
CA GLU A 54 5.15 7.96 -0.44
C GLU A 54 4.97 7.71 1.04
N ARG A 55 3.74 7.81 1.52
CA ARG A 55 3.46 7.52 2.92
C ARG A 55 3.42 6.02 3.14
N LEU A 56 2.89 5.30 2.16
CA LEU A 56 2.92 3.84 2.18
C LEU A 56 4.35 3.31 2.13
N GLN A 57 5.18 3.92 1.29
CA GLN A 57 6.58 3.49 1.15
C GLN A 57 7.38 3.78 2.41
N LYS A 58 7.29 5.02 2.89
CA LYS A 58 8.00 5.41 4.09
C LYS A 58 7.50 4.60 5.27
N GLY A 59 6.19 4.49 5.40
CA GLY A 59 5.59 3.68 6.43
C GLY A 59 6.02 2.24 6.36
N TRP A 60 6.14 1.72 5.15
CA TRP A 60 6.64 0.37 4.93
C TRP A 60 8.04 0.24 5.51
N SER A 61 8.84 1.28 5.31
CA SER A 61 10.21 1.30 5.78
C SER A 61 10.27 1.50 7.31
N LEU A 62 9.21 2.08 7.87
CA LEU A 62 9.14 2.32 9.30
C LEU A 62 8.62 1.10 10.04
N ALA A 63 7.69 0.40 9.40
CA ALA A 63 7.02 -0.74 9.99
C ALA A 63 7.72 -2.04 9.61
N LYS A 64 9.02 -1.96 9.38
CA LYS A 64 9.81 -3.12 8.98
C LYS A 64 9.73 -4.23 10.02
N GLN B 25 -2.76 13.90 7.64
CA GLN B 25 -3.11 13.75 6.21
C GLN B 25 -4.48 13.11 6.07
N GLU B 26 -5.36 13.75 5.31
CA GLU B 26 -6.72 13.27 5.15
C GLU B 26 -6.82 12.36 3.94
N LEU B 27 -5.88 11.43 3.84
CA LEU B 27 -5.81 10.54 2.72
C LEU B 27 -6.32 9.16 3.08
N THR B 28 -7.15 8.59 2.22
CA THR B 28 -7.70 7.28 2.46
C THR B 28 -7.14 6.29 1.45
N VAL B 29 -6.77 5.11 1.93
CA VAL B 29 -6.17 4.10 1.09
C VAL B 29 -7.14 2.93 0.90
N PRO B 30 -7.34 2.46 -0.33
CA PRO B 30 -8.16 1.29 -0.58
C PRO B 30 -7.45 0.01 -0.16
N TRP B 31 -7.62 -0.32 1.11
CA TRP B 31 -6.95 -1.48 1.69
C TRP B 31 -7.53 -2.78 1.14
N ASP B 32 -8.78 -2.76 0.73
CA ASP B 32 -9.41 -3.95 0.20
C ASP B 32 -8.89 -4.26 -1.19
N ASP B 33 -8.82 -3.24 -2.03
CA ASP B 33 -8.33 -3.42 -3.40
C ASP B 33 -6.84 -3.72 -3.39
N ILE B 34 -6.12 -3.09 -2.47
CA ILE B 34 -4.70 -3.35 -2.33
C ILE B 34 -4.47 -4.77 -1.83
N GLU B 35 -5.29 -5.20 -0.88
CA GLU B 35 -5.22 -6.57 -0.39
C GLU B 35 -5.46 -7.55 -1.52
N ALA B 36 -6.35 -7.20 -2.44
CA ALA B 36 -6.64 -8.05 -3.58
C ALA B 36 -5.45 -8.07 -4.55
N LEU B 37 -4.77 -6.94 -4.66
CA LEU B 37 -3.61 -6.83 -5.53
C LEU B 37 -2.46 -7.66 -4.96
N LEU B 38 -2.26 -7.56 -3.66
CA LEU B 38 -1.22 -8.31 -2.99
C LEU B 38 -1.59 -9.78 -2.92
N LYS B 39 -2.88 -10.05 -2.94
CA LYS B 39 -3.37 -11.42 -3.00
C LYS B 39 -2.94 -12.05 -4.31
N ASN B 40 -3.10 -11.31 -5.39
CA ASN B 40 -2.65 -11.73 -6.70
C ASN B 40 -1.13 -11.78 -6.75
N ASN B 41 -0.50 -10.78 -6.15
CA ASN B 41 0.95 -10.67 -6.15
C ASN B 41 1.58 -11.84 -5.40
N PHE B 42 0.90 -12.29 -4.38
CA PHE B 42 1.37 -13.39 -3.54
C PHE B 42 0.46 -14.60 -3.72
N GLU B 43 -0.06 -14.74 -4.95
CA GLU B 43 -0.76 -15.94 -5.47
C GLU B 43 -0.16 -17.32 -5.05
N ASN B 44 0.26 -17.42 -3.81
CA ASN B 44 0.84 -18.63 -3.27
C ASN B 44 0.92 -18.53 -1.75
N ASP B 45 1.36 -17.36 -1.27
CA ASP B 45 1.48 -17.14 0.16
C ASP B 45 0.49 -16.06 0.62
N GLN B 46 -0.69 -16.49 1.02
CA GLN B 46 -1.74 -15.58 1.48
C GLN B 46 -1.37 -14.99 2.83
N ALA B 47 -0.38 -15.59 3.47
CA ALA B 47 0.09 -15.14 4.76
C ALA B 47 1.07 -14.01 4.55
N ALA B 48 1.66 -13.99 3.36
CA ALA B 48 2.53 -12.89 2.97
C ALA B 48 1.66 -11.72 2.59
N VAL B 49 0.53 -12.02 1.96
CA VAL B 49 -0.50 -11.02 1.70
C VAL B 49 -0.90 -10.33 3.00
N ARG B 50 -1.13 -11.13 4.03
CA ARG B 50 -1.50 -10.61 5.33
C ARG B 50 -0.38 -9.71 5.88
N GLN B 51 0.84 -10.24 5.88
CA GLN B 51 1.98 -9.52 6.44
C GLN B 51 2.23 -8.19 5.73
N VAL B 52 2.06 -8.17 4.42
CA VAL B 52 2.36 -6.99 3.65
C VAL B 52 1.27 -5.94 3.86
N MET B 53 0.03 -6.39 3.96
CA MET B 53 -1.08 -5.49 4.16
C MET B 53 -1.05 -4.87 5.55
N GLU B 54 -0.67 -5.67 6.53
CA GLU B 54 -0.63 -5.19 7.91
C GLU B 54 0.57 -4.30 8.13
N ARG B 55 1.62 -4.52 7.35
CA ARG B 55 2.81 -3.68 7.45
C ARG B 55 2.55 -2.35 6.75
N LEU B 56 1.82 -2.40 5.64
CA LEU B 56 1.38 -1.20 4.94
C LEU B 56 0.45 -0.36 5.82
N GLN B 57 -0.46 -1.02 6.52
CA GLN B 57 -1.43 -0.32 7.38
C GLN B 57 -0.75 0.30 8.59
N LYS B 58 0.06 -0.50 9.28
CA LYS B 58 0.79 -0.02 10.44
C LYS B 58 1.74 1.09 10.02
N GLY B 59 2.49 0.84 8.95
CA GLY B 59 3.38 1.83 8.42
C GLY B 59 2.67 3.10 8.03
N TRP B 60 1.49 2.96 7.46
CA TRP B 60 0.65 4.11 7.13
C TRP B 60 0.37 4.92 8.39
N SER B 61 0.10 4.22 9.47
CA SER B 61 -0.22 4.85 10.74
C SER B 61 1.03 5.45 11.40
N LEU B 62 2.20 4.94 11.00
CA LEU B 62 3.46 5.42 11.55
C LEU B 62 3.95 6.63 10.77
N ALA B 63 3.71 6.61 9.47
CA ALA B 63 4.19 7.64 8.56
C ALA B 63 3.14 8.72 8.35
N LYS B 64 2.31 8.92 9.35
CA LYS B 64 1.23 9.90 9.28
C LYS B 64 1.78 11.31 9.02
N GLN A 25 10.74 -8.03 8.06
CA GLN A 25 10.01 -9.00 7.20
C GLN A 25 10.56 -8.97 5.78
N GLU A 26 10.76 -10.15 5.21
CA GLU A 26 11.28 -10.27 3.86
C GLU A 26 10.13 -10.27 2.85
N LEU A 27 9.64 -9.08 2.54
CA LEU A 27 8.48 -8.95 1.67
C LEU A 27 8.66 -7.81 0.68
N THR A 28 8.20 -8.04 -0.55
CA THR A 28 8.26 -7.01 -1.57
C THR A 28 6.84 -6.55 -1.94
N VAL A 29 6.68 -5.25 -2.08
CA VAL A 29 5.40 -4.65 -2.42
C VAL A 29 5.43 -4.10 -3.83
N PRO A 30 4.38 -4.39 -4.64
CA PRO A 30 4.26 -3.83 -5.98
C PRO A 30 3.85 -2.36 -5.93
N TRP A 31 4.85 -1.50 -5.85
CA TRP A 31 4.62 -0.07 -5.75
C TRP A 31 4.11 0.50 -7.06
N ASP A 32 4.46 -0.14 -8.16
CA ASP A 32 4.01 0.31 -9.48
C ASP A 32 2.50 0.09 -9.62
N ASP A 33 2.07 -1.12 -9.33
CA ASP A 33 0.68 -1.49 -9.47
C ASP A 33 -0.18 -0.80 -8.42
N ILE A 34 0.38 -0.62 -7.24
CA ILE A 34 -0.31 0.10 -6.18
C ILE A 34 -0.48 1.56 -6.56
N GLU A 35 0.58 2.16 -7.11
CA GLU A 35 0.50 3.53 -7.60
C GLU A 35 -0.60 3.68 -8.63
N ALA A 36 -0.74 2.67 -9.49
CA ALA A 36 -1.77 2.68 -10.52
C ALA A 36 -3.15 2.59 -9.89
N LEU A 37 -3.25 1.83 -8.82
CA LEU A 37 -4.52 1.66 -8.12
C LEU A 37 -4.91 2.95 -7.44
N LEU A 38 -3.94 3.60 -6.82
CA LEU A 38 -4.17 4.86 -6.13
C LEU A 38 -4.42 5.98 -7.12
N LYS A 39 -3.88 5.83 -8.32
CA LYS A 39 -4.11 6.79 -9.38
C LYS A 39 -5.57 6.70 -9.83
N ASN A 40 -6.05 5.47 -9.96
CA ASN A 40 -7.43 5.21 -10.29
C ASN A 40 -8.36 5.57 -9.13
N ASN A 41 -7.84 5.43 -7.92
CA ASN A 41 -8.60 5.73 -6.71
C ASN A 41 -8.72 7.23 -6.50
N PHE A 42 -7.68 7.95 -6.90
CA PHE A 42 -7.61 9.38 -6.73
C PHE A 42 -7.64 10.08 -8.08
N GLU A 43 -8.34 9.47 -9.03
CA GLU A 43 -8.73 10.07 -10.34
C GLU A 43 -9.25 11.53 -10.28
N ASN A 44 -8.61 12.33 -9.47
CA ASN A 44 -8.92 13.73 -9.30
C ASN A 44 -7.69 14.45 -8.75
N ASP A 45 -7.09 13.85 -7.75
CA ASP A 45 -5.90 14.40 -7.12
C ASP A 45 -4.70 13.49 -7.30
N GLN A 46 -3.93 13.75 -8.35
CA GLN A 46 -2.69 13.03 -8.58
C GLN A 46 -1.71 13.35 -7.46
N ALA A 47 -1.82 14.57 -6.96
CA ALA A 47 -1.08 15.01 -5.78
C ALA A 47 -1.35 14.09 -4.60
N ALA A 48 -2.57 13.58 -4.52
CA ALA A 48 -2.96 12.69 -3.43
C ALA A 48 -2.37 11.33 -3.68
N VAL A 49 -2.35 10.92 -4.95
CA VAL A 49 -1.69 9.68 -5.35
C VAL A 49 -0.24 9.68 -4.88
N ARG A 50 0.42 10.81 -5.09
CA ARG A 50 1.80 10.97 -4.70
C ARG A 50 1.95 10.85 -3.19
N GLN A 51 1.13 11.61 -2.46
CA GLN A 51 1.20 11.64 -1.02
C GLN A 51 0.94 10.27 -0.39
N VAL A 52 -0.02 9.54 -0.94
CA VAL A 52 -0.39 8.26 -0.36
C VAL A 52 0.68 7.22 -0.66
N MET A 53 1.27 7.29 -1.85
CA MET A 53 2.30 6.35 -2.24
C MET A 53 3.57 6.57 -1.43
N GLU A 54 3.90 7.84 -1.19
CA GLU A 54 5.12 8.16 -0.46
C GLU A 54 4.95 7.87 1.02
N ARG A 55 3.72 7.93 1.50
CA ARG A 55 3.45 7.63 2.90
C ARG A 55 3.42 6.13 3.12
N LEU A 56 2.87 5.41 2.15
CA LEU A 56 2.90 3.95 2.18
C LEU A 56 4.34 3.43 2.12
N GLN A 57 5.17 4.07 1.31
CA GLN A 57 6.57 3.67 1.18
C GLN A 57 7.35 3.98 2.44
N LYS A 58 7.17 5.19 2.96
CA LYS A 58 7.83 5.60 4.18
C LYS A 58 7.39 4.71 5.33
N GLY A 59 6.08 4.53 5.45
CA GLY A 59 5.52 3.67 6.46
C GLY A 59 6.03 2.24 6.35
N TRP A 60 6.15 1.74 5.13
CA TRP A 60 6.71 0.41 4.90
C TRP A 60 8.13 0.34 5.45
N SER A 61 8.86 1.44 5.29
CA SER A 61 10.22 1.53 5.78
C SER A 61 10.26 1.69 7.30
N LEU A 62 9.18 2.23 7.87
CA LEU A 62 9.10 2.46 9.30
C LEU A 62 8.64 1.21 10.04
N ALA A 63 7.75 0.47 9.40
CA ALA A 63 7.12 -0.69 10.01
C ALA A 63 7.99 -1.95 9.87
N LYS A 64 9.30 -1.78 9.90
CA LYS A 64 10.21 -2.92 9.90
C LYS A 64 10.30 -3.48 11.32
N GLN B 25 -1.43 13.75 7.33
CA GLN B 25 -2.03 13.90 5.98
C GLN B 25 -3.45 13.34 5.96
N GLU B 26 -4.35 14.08 5.35
CA GLU B 26 -5.75 13.65 5.27
C GLU B 26 -5.96 12.83 4.02
N LEU B 27 -5.61 11.55 4.09
CA LEU B 27 -5.68 10.67 2.93
C LEU B 27 -6.23 9.30 3.31
N THR B 28 -7.04 8.74 2.44
CA THR B 28 -7.59 7.41 2.63
C THR B 28 -7.03 6.43 1.61
N VAL B 29 -6.67 5.24 2.08
CA VAL B 29 -6.10 4.22 1.24
C VAL B 29 -7.10 3.07 1.05
N PRO B 30 -7.29 2.60 -0.20
CA PRO B 30 -8.13 1.45 -0.46
C PRO B 30 -7.44 0.15 -0.05
N TRP B 31 -7.64 -0.22 1.20
CA TRP B 31 -7.02 -1.41 1.76
C TRP B 31 -7.63 -2.67 1.20
N ASP B 32 -8.89 -2.59 0.80
CA ASP B 32 -9.58 -3.73 0.22
C ASP B 32 -9.00 -4.08 -1.13
N ASP B 33 -8.89 -3.07 -1.99
CA ASP B 33 -8.39 -3.26 -3.34
C ASP B 33 -6.91 -3.56 -3.34
N ILE B 34 -6.19 -2.95 -2.40
CA ILE B 34 -4.78 -3.22 -2.25
C ILE B 34 -4.56 -4.66 -1.79
N GLU B 35 -5.37 -5.10 -0.83
CA GLU B 35 -5.31 -6.48 -0.37
C GLU B 35 -5.54 -7.44 -1.53
N ALA B 36 -6.45 -7.09 -2.43
CA ALA B 36 -6.74 -7.91 -3.58
C ALA B 36 -5.55 -7.94 -4.54
N LEU B 37 -4.87 -6.82 -4.64
CA LEU B 37 -3.70 -6.72 -5.51
C LEU B 37 -2.56 -7.55 -4.95
N LEU B 38 -2.38 -7.48 -3.65
CA LEU B 38 -1.33 -8.25 -2.99
C LEU B 38 -1.67 -9.72 -2.96
N LYS B 39 -2.96 -10.02 -2.99
CA LYS B 39 -3.40 -11.40 -3.06
C LYS B 39 -3.05 -11.99 -4.42
N ASN B 40 -3.27 -11.19 -5.46
CA ASN B 40 -2.89 -11.56 -6.82
C ASN B 40 -1.38 -11.56 -6.99
N ASN B 41 -0.71 -10.69 -6.24
CA ASN B 41 0.75 -10.57 -6.31
C ASN B 41 1.42 -11.73 -5.59
N PHE B 42 0.77 -12.19 -4.54
CA PHE B 42 1.30 -13.27 -3.71
C PHE B 42 0.44 -14.51 -3.82
N GLU B 43 -0.14 -14.69 -5.02
CA GLU B 43 -0.82 -15.94 -5.47
C GLU B 43 -0.08 -17.26 -5.14
N ASN B 44 0.49 -17.32 -3.97
CA ASN B 44 1.20 -18.48 -3.47
C ASN B 44 1.22 -18.42 -1.95
N ASP B 45 1.55 -17.25 -1.43
CA ASP B 45 1.61 -17.04 0.01
C ASP B 45 0.55 -16.03 0.47
N GLN B 46 -0.60 -16.53 0.87
CA GLN B 46 -1.64 -15.68 1.43
C GLN B 46 -1.15 -15.10 2.76
N ALA B 47 -0.33 -15.89 3.43
CA ALA B 47 0.37 -15.44 4.63
C ALA B 47 1.19 -14.19 4.35
N ALA B 48 1.74 -14.10 3.14
CA ALA B 48 2.53 -12.95 2.76
C ALA B 48 1.63 -11.78 2.48
N VAL B 49 0.48 -12.06 1.87
CA VAL B 49 -0.55 -11.05 1.65
C VAL B 49 -0.91 -10.38 2.98
N ARG B 50 -1.10 -11.22 4.00
CA ARG B 50 -1.44 -10.74 5.33
C ARG B 50 -0.34 -9.85 5.87
N GLN B 51 0.88 -10.37 5.84
CA GLN B 51 2.03 -9.66 6.39
C GLN B 51 2.26 -8.31 5.72
N VAL B 52 2.09 -8.26 4.40
CA VAL B 52 2.37 -7.05 3.66
C VAL B 52 1.27 -6.03 3.89
N MET B 53 0.03 -6.50 4.01
CA MET B 53 -1.09 -5.61 4.24
C MET B 53 -1.03 -5.01 5.63
N GLU B 54 -0.64 -5.82 6.61
CA GLU B 54 -0.58 -5.37 7.99
C GLU B 54 0.61 -4.45 8.21
N ARG B 55 1.65 -4.63 7.41
CA ARG B 55 2.83 -3.78 7.51
C ARG B 55 2.58 -2.45 6.81
N LEU B 56 1.86 -2.50 5.69
CA LEU B 56 1.44 -1.28 5.00
C LEU B 56 0.50 -0.46 5.89
N GLN B 57 -0.39 -1.13 6.60
CA GLN B 57 -1.34 -0.47 7.48
C GLN B 57 -0.63 0.15 8.68
N LYS B 58 0.23 -0.65 9.31
CA LYS B 58 1.00 -0.17 10.44
C LYS B 58 1.88 0.99 10.03
N GLY B 59 2.60 0.79 8.94
CA GLY B 59 3.43 1.84 8.39
C GLY B 59 2.67 3.10 8.07
N TRP B 60 1.48 2.94 7.51
CA TRP B 60 0.61 4.08 7.22
C TRP B 60 0.30 4.83 8.51
N SER B 61 0.13 4.08 9.59
CA SER B 61 -0.15 4.66 10.89
C SER B 61 1.10 5.30 11.51
N LEU B 62 2.27 4.80 11.10
CA LEU B 62 3.53 5.30 11.62
C LEU B 62 3.99 6.55 10.87
N ALA B 63 3.72 6.57 9.57
CA ALA B 63 4.18 7.64 8.71
C ALA B 63 3.25 8.84 8.73
N LYS B 64 2.64 9.11 9.88
CA LYS B 64 1.85 10.31 10.05
C LYS B 64 2.77 11.49 10.32
N GLN A 25 11.17 -9.88 7.64
CA GLN A 25 10.52 -10.36 6.40
C GLN A 25 11.22 -9.82 5.18
N GLU A 26 11.18 -10.57 4.10
CA GLU A 26 11.81 -10.18 2.84
C GLU A 26 10.75 -9.86 1.80
N LEU A 27 9.54 -9.57 2.29
CA LEU A 27 8.40 -9.33 1.44
C LEU A 27 8.56 -8.05 0.64
N THR A 28 8.15 -8.11 -0.62
CA THR A 28 8.23 -6.97 -1.51
C THR A 28 6.83 -6.51 -1.90
N VAL A 29 6.67 -5.21 -2.05
CA VAL A 29 5.40 -4.63 -2.40
C VAL A 29 5.43 -4.09 -3.83
N PRO A 30 4.38 -4.38 -4.62
CA PRO A 30 4.28 -3.82 -5.97
C PRO A 30 3.86 -2.35 -5.91
N TRP A 31 4.86 -1.49 -5.84
CA TRP A 31 4.63 -0.06 -5.70
C TRP A 31 4.12 0.56 -6.97
N ASP A 32 4.39 -0.06 -8.11
CA ASP A 32 3.93 0.46 -9.38
C ASP A 32 2.47 0.13 -9.59
N ASP A 33 2.11 -1.12 -9.28
CA ASP A 33 0.73 -1.56 -9.40
C ASP A 33 -0.14 -0.84 -8.38
N ILE A 34 0.41 -0.64 -7.18
CA ILE A 34 -0.29 0.09 -6.15
C ILE A 34 -0.45 1.54 -6.55
N GLU A 35 0.59 2.14 -7.11
CA GLU A 35 0.52 3.50 -7.61
C GLU A 35 -0.59 3.64 -8.64
N ALA A 36 -0.75 2.62 -9.48
CA ALA A 36 -1.78 2.63 -10.50
C ALA A 36 -3.17 2.54 -9.86
N LEU A 37 -3.25 1.78 -8.77
CA LEU A 37 -4.50 1.62 -8.05
C LEU A 37 -4.89 2.92 -7.38
N LEU A 38 -3.92 3.58 -6.77
CA LEU A 38 -4.15 4.84 -6.10
C LEU A 38 -4.37 5.96 -7.10
N LYS A 39 -3.80 5.80 -8.28
CA LYS A 39 -4.02 6.74 -9.37
C LYS A 39 -5.48 6.66 -9.81
N ASN A 40 -5.97 5.44 -9.92
CA ASN A 40 -7.37 5.19 -10.22
C ASN A 40 -8.26 5.63 -9.08
N ASN A 41 -7.78 5.42 -7.86
CA ASN A 41 -8.52 5.76 -6.66
C ASN A 41 -8.66 7.27 -6.52
N PHE A 42 -7.63 7.98 -6.96
CA PHE A 42 -7.57 9.42 -6.85
C PHE A 42 -7.56 10.07 -8.23
N GLU A 43 -8.25 9.40 -9.17
CA GLU A 43 -8.62 9.93 -10.52
C GLU A 43 -9.02 11.43 -10.60
N ASN A 44 -8.29 12.27 -9.89
CA ASN A 44 -8.52 13.70 -9.81
C ASN A 44 -7.38 14.35 -9.04
N ASP A 45 -7.02 13.73 -7.93
CA ASP A 45 -5.98 14.25 -7.06
C ASP A 45 -4.70 13.43 -7.21
N GLN A 46 -3.92 13.73 -8.23
CA GLN A 46 -2.67 13.03 -8.47
C GLN A 46 -1.69 13.36 -7.35
N ALA A 47 -1.80 14.58 -6.84
CA ALA A 47 -1.05 15.00 -5.66
C ALA A 47 -1.33 14.09 -4.48
N ALA A 48 -2.55 13.57 -4.43
CA ALA A 48 -2.95 12.67 -3.37
C ALA A 48 -2.35 11.30 -3.63
N VAL A 49 -2.34 10.90 -4.89
CA VAL A 49 -1.68 9.67 -5.30
C VAL A 49 -0.23 9.66 -4.83
N ARG A 50 0.44 10.78 -5.04
CA ARG A 50 1.84 10.92 -4.64
C ARG A 50 1.98 10.76 -3.13
N GLN A 51 1.19 11.54 -2.40
CA GLN A 51 1.29 11.58 -0.95
C GLN A 51 0.94 10.24 -0.31
N VAL A 52 -0.03 9.54 -0.88
CA VAL A 52 -0.45 8.27 -0.30
C VAL A 52 0.59 7.20 -0.58
N MET A 53 1.16 7.24 -1.78
CA MET A 53 2.17 6.27 -2.17
C MET A 53 3.44 6.47 -1.37
N GLU A 54 3.79 7.71 -1.10
CA GLU A 54 5.01 8.03 -0.39
C GLU A 54 4.86 7.78 1.11
N ARG A 55 3.62 7.86 1.58
CA ARG A 55 3.35 7.58 2.98
C ARG A 55 3.32 6.07 3.20
N LEU A 56 2.80 5.36 2.21
CA LEU A 56 2.85 3.90 2.21
C LEU A 56 4.28 3.38 2.15
N GLN A 57 5.11 4.01 1.31
CA GLN A 57 6.50 3.60 1.15
C GLN A 57 7.31 3.90 2.40
N LYS A 58 7.18 5.13 2.89
CA LYS A 58 7.87 5.54 4.10
C LYS A 58 7.40 4.69 5.27
N GLY A 59 6.10 4.55 5.38
CA GLY A 59 5.53 3.70 6.42
C GLY A 59 6.02 2.28 6.34
N TRP A 60 6.12 1.75 5.13
CA TRP A 60 6.67 0.41 4.92
C TRP A 60 8.09 0.35 5.47
N SER A 61 8.83 1.43 5.28
CA SER A 61 10.20 1.53 5.75
C SER A 61 10.25 1.68 7.27
N LEU A 62 9.19 2.24 7.84
CA LEU A 62 9.12 2.46 9.28
C LEU A 62 8.63 1.21 10.01
N ALA A 63 7.75 0.47 9.35
CA ALA A 63 7.12 -0.70 9.93
C ALA A 63 7.95 -1.96 9.70
N LYS A 64 9.24 -1.79 9.49
CA LYS A 64 10.14 -2.92 9.32
C LYS A 64 10.50 -3.51 10.68
N GLN B 25 -2.58 15.17 6.61
CA GLN B 25 -3.39 14.76 5.44
C GLN B 25 -4.58 13.91 5.88
N GLU B 26 -5.64 13.98 5.10
CA GLU B 26 -6.86 13.23 5.39
C GLU B 26 -7.05 12.14 4.34
N LEU B 27 -5.95 11.79 3.69
CA LEU B 27 -5.98 10.82 2.60
C LEU B 27 -6.32 9.43 3.10
N THR B 28 -7.13 8.74 2.33
CA THR B 28 -7.55 7.39 2.67
C THR B 28 -7.02 6.40 1.63
N VAL B 29 -6.65 5.22 2.10
CA VAL B 29 -6.10 4.20 1.25
C VAL B 29 -7.11 3.06 1.07
N PRO B 30 -7.30 2.59 -0.18
CA PRO B 30 -8.15 1.44 -0.43
C PRO B 30 -7.46 0.14 -0.02
N TRP B 31 -7.66 -0.23 1.23
CA TRP B 31 -7.00 -1.40 1.81
C TRP B 31 -7.57 -2.69 1.27
N ASP B 32 -8.81 -2.66 0.81
CA ASP B 32 -9.44 -3.87 0.28
C ASP B 32 -8.96 -4.13 -1.14
N ASP B 33 -8.90 -3.07 -1.94
CA ASP B 33 -8.41 -3.17 -3.31
C ASP B 33 -6.94 -3.51 -3.31
N ILE B 34 -6.20 -2.91 -2.38
CA ILE B 34 -4.79 -3.21 -2.24
C ILE B 34 -4.59 -4.65 -1.78
N GLU B 35 -5.41 -5.09 -0.83
CA GLU B 35 -5.35 -6.49 -0.38
C GLU B 35 -5.57 -7.43 -1.55
N ALA B 36 -6.47 -7.05 -2.45
CA ALA B 36 -6.75 -7.89 -3.62
C ALA B 36 -5.55 -7.89 -4.56
N LEU B 37 -4.86 -6.77 -4.65
CA LEU B 37 -3.68 -6.67 -5.50
C LEU B 37 -2.55 -7.51 -4.94
N LEU B 38 -2.37 -7.45 -3.64
CA LEU B 38 -1.32 -8.22 -2.97
C LEU B 38 -1.69 -9.69 -2.94
N LYS B 39 -2.98 -9.98 -2.94
CA LYS B 39 -3.46 -11.34 -3.02
C LYS B 39 -3.07 -11.92 -4.37
N ASN B 40 -3.29 -11.13 -5.41
CA ASN B 40 -2.90 -11.50 -6.76
C ASN B 40 -1.37 -11.57 -6.88
N ASN B 41 -0.71 -10.65 -6.19
CA ASN B 41 0.74 -10.54 -6.23
C ASN B 41 1.39 -11.75 -5.54
N PHE B 42 0.71 -12.24 -4.52
CA PHE B 42 1.20 -13.34 -3.72
C PHE B 42 0.27 -14.55 -3.83
N GLU B 43 -0.33 -14.68 -5.03
CA GLU B 43 -1.05 -15.89 -5.52
C GLU B 43 -0.46 -17.26 -5.12
N ASN B 44 -0.02 -17.37 -3.89
CA ASN B 44 0.59 -18.57 -3.34
C ASN B 44 0.82 -18.39 -1.85
N ASP B 45 1.34 -17.22 -1.50
CA ASP B 45 1.66 -16.91 -0.12
C ASP B 45 0.64 -15.93 0.44
N GLN B 46 -0.49 -16.45 0.89
CA GLN B 46 -1.53 -15.63 1.48
C GLN B 46 -1.04 -15.05 2.79
N ALA B 47 -0.22 -15.84 3.48
CA ALA B 47 0.47 -15.38 4.68
C ALA B 47 1.29 -14.12 4.38
N ALA B 48 1.81 -14.04 3.17
CA ALA B 48 2.59 -12.89 2.75
C ALA B 48 1.66 -11.73 2.49
N VAL B 49 0.52 -12.03 1.87
CA VAL B 49 -0.51 -11.02 1.66
C VAL B 49 -0.87 -10.34 2.98
N ARG B 50 -1.06 -11.16 4.00
CA ARG B 50 -1.41 -10.66 5.32
C ARG B 50 -0.32 -9.76 5.85
N GLN B 51 0.90 -10.25 5.85
CA GLN B 51 2.04 -9.53 6.42
C GLN B 51 2.31 -8.23 5.69
N VAL B 52 2.16 -8.23 4.38
CA VAL B 52 2.45 -7.03 3.61
C VAL B 52 1.37 -5.99 3.82
N MET B 53 0.12 -6.45 3.90
CA MET B 53 -1.00 -5.55 4.12
C MET B 53 -0.95 -4.94 5.50
N GLU B 54 -0.53 -5.72 6.48
CA GLU B 54 -0.50 -5.25 7.85
C GLU B 54 0.71 -4.36 8.10
N ARG B 55 1.76 -4.56 7.30
CA ARG B 55 2.94 -3.71 7.41
C ARG B 55 2.67 -2.39 6.70
N LEU B 56 1.92 -2.44 5.61
CA LEU B 56 1.46 -1.24 4.92
C LEU B 56 0.51 -0.43 5.81
N GLN B 57 -0.39 -1.11 6.49
CA GLN B 57 -1.36 -0.43 7.36
C GLN B 57 -0.67 0.18 8.57
N LYS B 58 0.15 -0.62 9.24
CA LYS B 58 0.89 -0.15 10.40
C LYS B 58 1.82 0.98 10.00
N GLY B 59 2.54 0.77 8.91
CA GLY B 59 3.41 1.80 8.37
C GLY B 59 2.67 3.06 8.04
N TRP B 60 1.49 2.93 7.47
CA TRP B 60 0.63 4.09 7.17
C TRP B 60 0.32 4.84 8.47
N SER B 61 0.10 4.07 9.53
CA SER B 61 -0.19 4.63 10.84
C SER B 61 1.06 5.28 11.46
N LEU B 62 2.23 4.80 11.06
CA LEU B 62 3.49 5.29 11.59
C LEU B 62 3.96 6.53 10.83
N ALA B 63 3.65 6.55 9.54
CA ALA B 63 4.09 7.61 8.65
C ALA B 63 3.11 8.77 8.62
N LYS B 64 2.32 8.91 9.67
CA LYS B 64 1.38 10.01 9.77
C LYS B 64 2.12 11.27 10.21
N GLN A 25 11.30 -8.89 7.61
CA GLN A 25 10.59 -9.28 6.37
C GLN A 25 11.41 -8.93 5.14
N GLU A 26 11.48 -9.86 4.21
CA GLU A 26 12.16 -9.65 2.94
C GLU A 26 11.16 -9.69 1.80
N LEU A 27 9.90 -9.45 2.14
CA LEU A 27 8.82 -9.46 1.18
C LEU A 27 8.85 -8.20 0.33
N THR A 28 8.36 -8.31 -0.89
CA THR A 28 8.37 -7.20 -1.81
C THR A 28 6.94 -6.75 -2.12
N VAL A 29 6.76 -5.45 -2.23
CA VAL A 29 5.46 -4.87 -2.52
C VAL A 29 5.43 -4.35 -3.95
N PRO A 30 4.37 -4.66 -4.71
CA PRO A 30 4.21 -4.12 -6.06
C PRO A 30 3.84 -2.63 -6.02
N TRP A 31 4.88 -1.81 -6.00
CA TRP A 31 4.72 -0.39 -5.87
C TRP A 31 4.16 0.25 -7.13
N ASP A 32 4.48 -0.29 -8.29
CA ASP A 32 3.96 0.24 -9.55
C ASP A 32 2.46 -0.01 -9.64
N ASP A 33 2.06 -1.22 -9.27
CA ASP A 33 0.65 -1.59 -9.31
C ASP A 33 -0.14 -0.79 -8.29
N ILE A 34 0.47 -0.60 -7.11
CA ILE A 34 -0.15 0.19 -6.07
C ILE A 34 -0.31 1.64 -6.49
N GLU A 35 0.75 2.21 -7.04
CA GLU A 35 0.71 3.60 -7.50
C GLU A 35 -0.38 3.77 -8.56
N ALA A 36 -0.56 2.75 -9.39
CA ALA A 36 -1.59 2.79 -10.42
C ALA A 36 -2.98 2.72 -9.79
N LEU A 37 -3.09 1.95 -8.72
CA LEU A 37 -4.36 1.81 -8.02
C LEU A 37 -4.75 3.12 -7.36
N LEU A 38 -3.78 3.75 -6.72
CA LEU A 38 -4.01 5.02 -6.05
C LEU A 38 -4.23 6.14 -7.06
N LYS A 39 -3.60 6.01 -8.22
CA LYS A 39 -3.79 6.98 -9.29
C LYS A 39 -5.23 6.92 -9.77
N ASN A 40 -5.72 5.70 -9.97
CA ASN A 40 -7.10 5.48 -10.37
C ASN A 40 -8.06 5.90 -9.26
N ASN A 41 -7.70 5.58 -8.03
CA ASN A 41 -8.54 5.88 -6.87
C ASN A 41 -8.67 7.38 -6.67
N PHE A 42 -7.59 8.08 -6.99
CA PHE A 42 -7.53 9.52 -6.80
C PHE A 42 -7.51 10.26 -8.13
N GLU A 43 -8.18 9.72 -9.14
CA GLU A 43 -8.45 10.44 -10.41
C GLU A 43 -9.21 11.78 -10.20
N ASN A 44 -8.87 12.44 -9.11
CA ASN A 44 -9.44 13.70 -8.72
C ASN A 44 -8.59 14.27 -7.58
N ASP A 45 -7.27 14.11 -7.73
CA ASP A 45 -6.31 14.41 -6.66
C ASP A 45 -4.98 13.66 -6.90
N GLN A 46 -4.26 14.07 -7.95
CA GLN A 46 -2.96 13.44 -8.24
C GLN A 46 -1.96 13.78 -7.15
N ALA A 47 -2.23 14.86 -6.45
CA ALA A 47 -1.41 15.28 -5.33
C ALA A 47 -1.60 14.33 -4.17
N ALA A 48 -2.79 13.74 -4.11
CA ALA A 48 -3.09 12.78 -3.08
C ALA A 48 -2.45 11.46 -3.43
N VAL A 49 -2.47 11.12 -4.72
CA VAL A 49 -1.77 9.93 -5.21
C VAL A 49 -0.33 9.94 -4.72
N ARG A 50 0.32 11.07 -4.92
CA ARG A 50 1.70 11.24 -4.50
C ARG A 50 1.84 11.05 -2.98
N GLN A 51 1.04 11.80 -2.24
CA GLN A 51 1.14 11.81 -0.78
C GLN A 51 0.85 10.45 -0.17
N VAL A 52 -0.14 9.74 -0.72
CA VAL A 52 -0.56 8.49 -0.15
C VAL A 52 0.44 7.39 -0.50
N MET A 53 1.00 7.48 -1.70
CA MET A 53 1.96 6.50 -2.17
C MET A 53 3.26 6.62 -1.39
N GLU A 54 3.68 7.86 -1.18
CA GLU A 54 4.93 8.11 -0.49
C GLU A 54 4.80 7.83 1.00
N ARG A 55 3.57 7.90 1.50
CA ARG A 55 3.32 7.59 2.89
C ARG A 55 3.27 6.07 3.08
N LEU A 56 2.74 5.37 2.08
CA LEU A 56 2.78 3.90 2.07
C LEU A 56 4.21 3.38 2.00
N GLN A 57 5.02 4.01 1.15
CA GLN A 57 6.43 3.61 0.99
C GLN A 57 7.21 3.88 2.27
N LYS A 58 7.09 5.10 2.77
CA LYS A 58 7.75 5.50 4.01
C LYS A 58 7.30 4.60 5.16
N GLY A 59 5.99 4.42 5.25
CA GLY A 59 5.43 3.55 6.26
C GLY A 59 5.94 2.13 6.16
N TRP A 60 6.11 1.62 4.96
CA TRP A 60 6.67 0.29 4.76
C TRP A 60 8.07 0.23 5.34
N SER A 61 8.81 1.33 5.20
CA SER A 61 10.16 1.42 5.75
C SER A 61 10.14 1.54 7.27
N LEU A 62 9.06 2.10 7.81
CA LEU A 62 8.96 2.33 9.25
C LEU A 62 8.43 1.11 9.99
N ALA A 63 7.52 0.39 9.34
CA ALA A 63 6.85 -0.73 9.96
C ALA A 63 7.64 -2.03 9.82
N LYS A 64 8.94 -1.91 9.60
CA LYS A 64 9.80 -3.07 9.50
C LYS A 64 9.92 -3.78 10.86
N GLN B 25 -2.34 14.38 7.22
CA GLN B 25 -3.09 13.88 6.05
C GLN B 25 -4.40 13.24 6.49
N GLU B 26 -5.46 13.56 5.75
CA GLU B 26 -6.77 12.96 5.99
C GLU B 26 -7.19 12.14 4.78
N LEU B 27 -6.19 11.73 4.01
CA LEU B 27 -6.41 10.95 2.81
C LEU B 27 -6.72 9.50 3.17
N THR B 28 -7.50 8.85 2.32
CA THR B 28 -7.91 7.48 2.57
C THR B 28 -7.29 6.54 1.54
N VAL B 29 -6.90 5.36 2.00
CA VAL B 29 -6.28 4.37 1.14
C VAL B 29 -7.25 3.22 0.90
N PRO B 30 -7.41 2.79 -0.36
CA PRO B 30 -8.26 1.63 -0.67
C PRO B 30 -7.60 0.34 -0.21
N TRP B 31 -7.88 -0.02 1.03
CA TRP B 31 -7.26 -1.18 1.65
C TRP B 31 -7.80 -2.49 1.10
N ASP B 32 -9.06 -2.51 0.71
CA ASP B 32 -9.63 -3.72 0.13
C ASP B 32 -9.02 -4.01 -1.22
N ASP B 33 -8.87 -2.96 -2.03
CA ASP B 33 -8.28 -3.10 -3.35
C ASP B 33 -6.81 -3.47 -3.26
N ILE B 34 -6.13 -2.89 -2.29
CA ILE B 34 -4.73 -3.19 -2.05
C ILE B 34 -4.56 -4.63 -1.60
N GLU B 35 -5.37 -5.06 -0.65
CA GLU B 35 -5.32 -6.42 -0.15
C GLU B 35 -5.56 -7.42 -1.29
N ALA B 36 -6.43 -7.04 -2.21
CA ALA B 36 -6.72 -7.88 -3.37
C ALA B 36 -5.52 -7.94 -4.31
N LEU B 37 -4.82 -6.82 -4.42
CA LEU B 37 -3.66 -6.73 -5.29
C LEU B 37 -2.53 -7.59 -4.73
N LEU B 38 -2.33 -7.50 -3.43
CA LEU B 38 -1.29 -8.28 -2.77
C LEU B 38 -1.66 -9.76 -2.73
N LYS B 39 -2.95 -10.03 -2.66
CA LYS B 39 -3.43 -11.41 -2.68
C LYS B 39 -3.09 -12.04 -4.03
N ASN B 40 -3.36 -11.28 -5.08
CA ASN B 40 -3.04 -11.70 -6.45
C ASN B 40 -1.52 -11.78 -6.66
N ASN B 41 -0.82 -10.81 -6.10
CA ASN B 41 0.63 -10.74 -6.25
C ASN B 41 1.30 -11.90 -5.54
N PHE B 42 0.70 -12.32 -4.44
CA PHE B 42 1.25 -13.37 -3.61
C PHE B 42 0.39 -14.63 -3.66
N GLU B 43 -0.24 -14.89 -4.82
CA GLU B 43 -0.90 -16.18 -5.10
C GLU B 43 0.05 -17.39 -4.97
N ASN B 44 0.94 -17.30 -4.01
CA ASN B 44 1.94 -18.30 -3.72
C ASN B 44 2.58 -17.97 -2.38
N ASP B 45 1.74 -17.51 -1.45
CA ASP B 45 2.18 -16.94 -0.17
C ASP B 45 1.09 -16.06 0.45
N GLN B 46 0.00 -16.68 0.88
CA GLN B 46 -1.09 -15.93 1.52
C GLN B 46 -0.63 -15.37 2.85
N ALA B 47 0.39 -15.99 3.40
CA ALA B 47 0.99 -15.54 4.65
C ALA B 47 1.74 -14.24 4.41
N ALA B 48 2.23 -14.09 3.18
CA ALA B 48 2.92 -12.88 2.81
C ALA B 48 1.91 -11.79 2.54
N VAL B 49 0.79 -12.15 1.93
CA VAL B 49 -0.32 -11.21 1.75
C VAL B 49 -0.66 -10.54 3.07
N ARG B 50 -0.82 -11.38 4.09
CA ARG B 50 -1.13 -10.90 5.43
C ARG B 50 -0.05 -9.96 5.94
N GLN B 51 1.19 -10.44 5.92
CA GLN B 51 2.30 -9.70 6.49
C GLN B 51 2.54 -8.36 5.78
N VAL B 52 2.40 -8.36 4.46
CA VAL B 52 2.70 -7.17 3.68
C VAL B 52 1.58 -6.16 3.84
N MET B 53 0.35 -6.65 3.93
CA MET B 53 -0.81 -5.80 4.06
C MET B 53 -0.82 -5.12 5.42
N GLU B 54 -0.50 -5.90 6.44
CA GLU B 54 -0.52 -5.41 7.81
C GLU B 54 0.67 -4.48 8.05
N ARG B 55 1.72 -4.64 7.27
CA ARG B 55 2.88 -3.78 7.38
C ARG B 55 2.61 -2.46 6.64
N LEU B 56 1.86 -2.53 5.56
CA LEU B 56 1.40 -1.34 4.85
C LEU B 56 0.44 -0.53 5.73
N GLN B 57 -0.47 -1.20 6.39
CA GLN B 57 -1.43 -0.54 7.28
C GLN B 57 -0.73 0.10 8.47
N LYS B 58 0.09 -0.69 9.14
CA LYS B 58 0.86 -0.20 10.28
C LYS B 58 1.75 0.97 9.85
N GLY B 59 2.44 0.76 8.74
CA GLY B 59 3.29 1.80 8.19
C GLY B 59 2.53 3.07 7.88
N TRP B 60 1.33 2.94 7.35
CA TRP B 60 0.48 4.09 7.09
C TRP B 60 0.20 4.85 8.38
N SER B 61 0.05 4.11 9.47
CA SER B 61 -0.20 4.69 10.77
C SER B 61 1.08 5.34 11.33
N LEU B 62 2.24 4.83 10.91
CA LEU B 62 3.51 5.32 11.43
C LEU B 62 4.02 6.53 10.64
N ALA B 63 3.74 6.53 9.34
CA ALA B 63 4.26 7.55 8.44
C ALA B 63 3.36 8.78 8.40
N LYS B 64 2.54 8.95 9.44
CA LYS B 64 1.67 10.11 9.52
C LYS B 64 2.49 11.39 9.71
N GLN A 25 10.78 -8.45 6.75
CA GLN A 25 10.96 -9.85 6.33
C GLN A 25 11.81 -9.93 5.07
N GLU A 26 11.15 -9.97 3.93
CA GLU A 26 11.79 -9.95 2.62
C GLU A 26 10.73 -9.83 1.55
N LEU A 27 9.59 -9.28 1.94
CA LEU A 27 8.43 -9.20 1.09
C LEU A 27 8.55 -8.05 0.11
N THR A 28 8.12 -8.28 -1.12
CA THR A 28 8.15 -7.25 -2.14
C THR A 28 6.75 -6.70 -2.38
N VAL A 29 6.66 -5.38 -2.38
CA VAL A 29 5.40 -4.71 -2.61
C VAL A 29 5.38 -4.10 -4.01
N PRO A 30 4.35 -4.38 -4.82
CA PRO A 30 4.23 -3.79 -6.14
C PRO A 30 3.81 -2.33 -6.05
N TRP A 31 4.81 -1.47 -5.93
CA TRP A 31 4.58 -0.05 -5.77
C TRP A 31 4.03 0.59 -7.03
N ASP A 32 4.35 0.03 -8.19
CA ASP A 32 3.86 0.57 -9.45
C ASP A 32 2.38 0.24 -9.62
N ASP A 33 2.02 -1.00 -9.33
CA ASP A 33 0.64 -1.46 -9.45
C ASP A 33 -0.24 -0.75 -8.41
N ILE A 34 0.31 -0.60 -7.21
CA ILE A 34 -0.40 0.11 -6.15
C ILE A 34 -0.56 1.57 -6.53
N GLU A 35 0.49 2.17 -7.08
CA GLU A 35 0.42 3.55 -7.54
C GLU A 35 -0.66 3.71 -8.60
N ALA A 36 -0.81 2.70 -9.45
CA ALA A 36 -1.83 2.73 -10.49
C ALA A 36 -3.22 2.62 -9.88
N LEU A 37 -3.33 1.84 -8.82
CA LEU A 37 -4.59 1.66 -8.13
C LEU A 37 -4.99 2.96 -7.44
N LEU A 38 -4.02 3.61 -6.81
CA LEU A 38 -4.26 4.87 -6.13
C LEU A 38 -4.46 5.99 -7.15
N LYS A 39 -3.89 5.81 -8.33
CA LYS A 39 -4.07 6.77 -9.40
C LYS A 39 -5.52 6.77 -9.85
N ASN A 40 -6.08 5.57 -9.97
CA ASN A 40 -7.50 5.42 -10.28
C ASN A 40 -8.37 5.84 -9.10
N ASN A 41 -7.90 5.51 -7.91
CA ASN A 41 -8.62 5.85 -6.68
C ASN A 41 -8.71 7.36 -6.50
N PHE A 42 -7.67 8.04 -6.95
CA PHE A 42 -7.58 9.49 -6.84
C PHE A 42 -7.54 10.13 -8.21
N GLU A 43 -8.23 9.49 -9.16
CA GLU A 43 -8.58 10.03 -10.51
C GLU A 43 -8.99 11.53 -10.57
N ASN A 44 -8.27 12.35 -9.82
CA ASN A 44 -8.53 13.77 -9.72
C ASN A 44 -7.38 14.43 -8.98
N ASP A 45 -6.97 13.80 -7.89
CA ASP A 45 -5.89 14.31 -7.06
C ASP A 45 -4.64 13.45 -7.23
N GLN A 46 -3.85 13.76 -8.25
CA GLN A 46 -2.61 13.05 -8.49
C GLN A 46 -1.62 13.35 -7.36
N ALA A 47 -1.69 14.57 -6.87
CA ALA A 47 -0.95 14.98 -5.69
C ALA A 47 -1.26 14.08 -4.50
N ALA A 48 -2.49 13.58 -4.46
CA ALA A 48 -2.90 12.68 -3.39
C ALA A 48 -2.31 11.30 -3.64
N VAL A 49 -2.28 10.91 -4.90
CA VAL A 49 -1.64 9.65 -5.29
C VAL A 49 -0.19 9.65 -4.82
N ARG A 50 0.48 10.78 -5.02
CA ARG A 50 1.87 10.94 -4.59
C ARG A 50 1.96 10.76 -3.08
N GLN A 51 1.15 11.53 -2.36
CA GLN A 51 1.20 11.53 -0.91
C GLN A 51 0.91 10.16 -0.31
N VAL A 52 -0.05 9.44 -0.90
CA VAL A 52 -0.45 8.16 -0.36
C VAL A 52 0.63 7.12 -0.61
N MET A 53 1.23 7.17 -1.81
CA MET A 53 2.26 6.21 -2.18
C MET A 53 3.54 6.45 -1.38
N GLU A 54 3.85 7.71 -1.14
CA GLU A 54 5.07 8.08 -0.44
C GLU A 54 4.93 7.78 1.05
N ARG A 55 3.71 7.86 1.56
CA ARG A 55 3.45 7.57 2.96
C ARG A 55 3.39 6.07 3.18
N LEU A 56 2.87 5.35 2.20
CA LEU A 56 2.90 3.88 2.22
C LEU A 56 4.34 3.37 2.17
N GLN A 57 5.17 3.99 1.33
CA GLN A 57 6.58 3.57 1.20
C GLN A 57 7.35 3.87 2.48
N LYS A 58 7.21 5.10 2.97
CA LYS A 58 7.86 5.51 4.20
C LYS A 58 7.40 4.61 5.34
N GLY A 59 6.09 4.43 5.43
CA GLY A 59 5.52 3.56 6.43
C GLY A 59 6.03 2.13 6.33
N TRP A 60 6.18 1.63 5.12
CA TRP A 60 6.73 0.30 4.90
C TRP A 60 8.13 0.22 5.49
N SER A 61 8.87 1.30 5.38
CA SER A 61 10.22 1.39 5.93
C SER A 61 10.20 1.53 7.46
N LEU A 62 9.11 2.08 7.98
CA LEU A 62 8.99 2.32 9.42
C LEU A 62 8.46 1.08 10.15
N ALA A 63 7.54 0.38 9.50
CA ALA A 63 6.84 -0.74 10.11
C ALA A 63 7.61 -2.05 9.95
N LYS A 64 8.93 -1.97 9.95
CA LYS A 64 9.76 -3.16 9.90
C LYS A 64 9.69 -3.89 11.23
N GLN B 25 -2.64 13.46 6.78
CA GLN B 25 -3.48 14.45 6.08
C GLN B 25 -4.96 14.13 6.32
N GLU B 26 -5.55 13.40 5.37
CA GLU B 26 -6.92 12.94 5.47
C GLU B 26 -7.20 11.99 4.30
N LEU B 27 -6.14 11.40 3.79
CA LEU B 27 -6.20 10.57 2.62
C LEU B 27 -6.70 9.18 2.96
N THR B 28 -7.52 8.63 2.09
CA THR B 28 -8.07 7.31 2.29
C THR B 28 -7.38 6.31 1.36
N VAL B 29 -6.94 5.21 1.93
CA VAL B 29 -6.28 4.17 1.16
C VAL B 29 -7.22 2.99 0.99
N PRO B 30 -7.40 2.51 -0.24
CA PRO B 30 -8.22 1.34 -0.49
C PRO B 30 -7.50 0.06 -0.08
N TRP B 31 -7.68 -0.28 1.19
CA TRP B 31 -7.00 -1.44 1.75
C TRP B 31 -7.55 -2.75 1.22
N ASP B 32 -8.80 -2.76 0.79
CA ASP B 32 -9.40 -3.97 0.25
C ASP B 32 -8.89 -4.24 -1.15
N ASP B 33 -8.83 -3.17 -1.96
CA ASP B 33 -8.34 -3.27 -3.33
C ASP B 33 -6.86 -3.60 -3.34
N ILE B 34 -6.12 -2.97 -2.43
CA ILE B 34 -4.70 -3.24 -2.30
C ILE B 34 -4.48 -4.67 -1.84
N GLU B 35 -5.28 -5.10 -0.87
CA GLU B 35 -5.21 -6.48 -0.40
C GLU B 35 -5.46 -7.46 -1.55
N ALA B 36 -6.36 -7.10 -2.45
CA ALA B 36 -6.66 -7.94 -3.60
C ALA B 36 -5.49 -7.96 -4.56
N LEU B 37 -4.82 -6.83 -4.68
CA LEU B 37 -3.66 -6.72 -5.54
C LEU B 37 -2.52 -7.57 -5.01
N LEU B 38 -2.32 -7.49 -3.70
CA LEU B 38 -1.28 -8.26 -3.04
C LEU B 38 -1.66 -9.73 -2.99
N LYS B 39 -2.95 -10.00 -3.01
CA LYS B 39 -3.43 -11.38 -3.04
C LYS B 39 -3.05 -12.02 -4.36
N ASN B 40 -3.20 -11.27 -5.44
CA ASN B 40 -2.77 -11.73 -6.76
C ASN B 40 -1.26 -11.74 -6.86
N ASN B 41 -0.63 -10.75 -6.24
CA ASN B 41 0.83 -10.63 -6.25
C ASN B 41 1.46 -11.80 -5.51
N PHE B 42 0.77 -12.27 -4.49
CA PHE B 42 1.25 -13.36 -3.67
C PHE B 42 0.32 -14.57 -3.78
N GLU B 43 -0.29 -14.72 -4.97
CA GLU B 43 -1.04 -15.92 -5.43
C GLU B 43 -0.42 -17.30 -5.04
N ASN B 44 0.06 -17.39 -3.82
CA ASN B 44 0.69 -18.58 -3.27
C ASN B 44 0.89 -18.41 -1.78
N ASP B 45 1.37 -17.24 -1.40
CA ASP B 45 1.63 -16.92 -0.01
C ASP B 45 0.59 -15.93 0.52
N GLN B 46 -0.53 -16.46 0.96
CA GLN B 46 -1.58 -15.62 1.53
C GLN B 46 -1.10 -15.01 2.84
N ALA B 47 -0.31 -15.79 3.55
CA ALA B 47 0.38 -15.32 4.75
C ALA B 47 1.22 -14.09 4.45
N ALA B 48 1.74 -14.02 3.23
CA ALA B 48 2.55 -12.89 2.82
C ALA B 48 1.64 -11.71 2.52
N VAL B 49 0.49 -12.00 1.93
CA VAL B 49 -0.53 -10.97 1.70
C VAL B 49 -0.90 -10.31 3.02
N ARG B 50 -1.06 -11.14 4.06
CA ARG B 50 -1.37 -10.64 5.39
C ARG B 50 -0.28 -9.73 5.88
N GLN B 51 0.95 -10.23 5.85
CA GLN B 51 2.10 -9.51 6.37
C GLN B 51 2.32 -8.18 5.65
N VAL B 52 2.13 -8.17 4.34
CA VAL B 52 2.38 -6.97 3.56
C VAL B 52 1.31 -5.93 3.84
N MET B 53 0.06 -6.38 3.94
CA MET B 53 -1.05 -5.47 4.18
C MET B 53 -1.00 -4.90 5.59
N GLU B 54 -0.59 -5.72 6.54
CA GLU B 54 -0.55 -5.30 7.93
C GLU B 54 0.63 -4.37 8.18
N ARG B 55 1.68 -4.54 7.40
CA ARG B 55 2.86 -3.70 7.52
C ARG B 55 2.62 -2.37 6.80
N LEU B 56 1.88 -2.43 5.70
CA LEU B 56 1.45 -1.21 5.01
C LEU B 56 0.51 -0.38 5.89
N GLN B 57 -0.40 -1.05 6.59
CA GLN B 57 -1.35 -0.37 7.47
C GLN B 57 -0.63 0.25 8.67
N LYS B 58 0.20 -0.55 9.31
CA LYS B 58 0.98 -0.09 10.45
C LYS B 58 1.86 1.07 10.02
N GLY B 59 2.56 0.88 8.91
CA GLY B 59 3.39 1.91 8.36
C GLY B 59 2.62 3.17 8.02
N TRP B 60 1.42 3.03 7.50
CA TRP B 60 0.58 4.17 7.21
C TRP B 60 0.29 4.95 8.49
N SER B 61 0.15 4.23 9.59
CA SER B 61 -0.07 4.83 10.89
C SER B 61 1.20 5.45 11.45
N LEU B 62 2.35 4.95 11.02
CA LEU B 62 3.64 5.43 11.52
C LEU B 62 4.12 6.64 10.73
N ALA B 63 3.87 6.62 9.43
CA ALA B 63 4.38 7.63 8.53
C ALA B 63 3.47 8.85 8.43
N LYS B 64 2.82 9.18 9.54
CA LYS B 64 2.00 10.38 9.60
C LYS B 64 2.89 11.62 9.65
N GLN A 25 11.86 -8.53 6.93
CA GLN A 25 11.00 -9.34 6.04
C GLN A 25 11.44 -9.16 4.59
N GLU A 26 11.46 -10.26 3.84
CA GLU A 26 11.90 -10.24 2.46
C GLU A 26 10.74 -10.00 1.52
N LEU A 27 9.58 -9.70 2.11
CA LEU A 27 8.37 -9.41 1.36
C LEU A 27 8.58 -8.21 0.45
N THR A 28 8.21 -8.37 -0.81
CA THR A 28 8.32 -7.30 -1.78
C THR A 28 6.95 -6.80 -2.18
N VAL A 29 6.82 -5.48 -2.26
CA VAL A 29 5.54 -4.86 -2.57
C VAL A 29 5.55 -4.30 -3.98
N PRO A 30 4.47 -4.54 -4.76
CA PRO A 30 4.33 -3.96 -6.08
C PRO A 30 3.96 -2.49 -5.99
N TRP A 31 4.98 -1.66 -5.96
CA TRP A 31 4.81 -0.22 -5.77
C TRP A 31 4.25 0.45 -7.00
N ASP A 32 4.54 -0.10 -8.17
CA ASP A 32 4.02 0.47 -9.42
C ASP A 32 2.52 0.19 -9.52
N ASP A 33 2.14 -1.03 -9.20
CA ASP A 33 0.75 -1.44 -9.26
C ASP A 33 -0.06 -0.74 -8.19
N ILE A 34 0.57 -0.53 -7.04
CA ILE A 34 -0.07 0.21 -5.96
C ILE A 34 -0.27 1.66 -6.37
N GLU A 35 0.78 2.27 -6.93
CA GLU A 35 0.69 3.64 -7.42
C GLU A 35 -0.42 3.76 -8.44
N ALA A 36 -0.57 2.75 -9.29
CA ALA A 36 -1.61 2.74 -10.31
C ALA A 36 -2.99 2.60 -9.68
N LEU A 37 -3.07 1.84 -8.60
CA LEU A 37 -4.32 1.65 -7.89
C LEU A 37 -4.76 2.95 -7.26
N LEU A 38 -3.82 3.64 -6.63
CA LEU A 38 -4.09 4.90 -5.99
C LEU A 38 -4.32 5.99 -7.04
N LYS A 39 -3.73 5.82 -8.21
CA LYS A 39 -3.95 6.74 -9.30
C LYS A 39 -5.40 6.64 -9.75
N ASN A 40 -5.87 5.40 -9.86
CA ASN A 40 -7.27 5.12 -10.15
C ASN A 40 -8.17 5.62 -9.03
N ASN A 41 -7.72 5.43 -7.81
CA ASN A 41 -8.49 5.79 -6.61
C ASN A 41 -8.63 7.30 -6.50
N PHE A 42 -7.62 8.01 -6.96
CA PHE A 42 -7.57 9.45 -6.87
C PHE A 42 -7.56 10.09 -8.24
N GLU A 43 -8.24 9.42 -9.20
CA GLU A 43 -8.61 9.94 -10.55
C GLU A 43 -9.01 11.44 -10.63
N ASN A 44 -8.30 12.28 -9.92
CA ASN A 44 -8.56 13.70 -9.85
C ASN A 44 -7.40 14.39 -9.14
N ASP A 45 -6.97 13.79 -8.04
CA ASP A 45 -5.89 14.34 -7.24
C ASP A 45 -4.64 13.49 -7.37
N GLN A 46 -3.84 13.78 -8.39
CA GLN A 46 -2.58 13.09 -8.60
C GLN A 46 -1.65 13.41 -7.44
N ALA A 47 -1.78 14.63 -6.93
CA ALA A 47 -1.07 15.05 -5.73
C ALA A 47 -1.36 14.13 -4.56
N ALA A 48 -2.58 13.62 -4.51
CA ALA A 48 -2.98 12.73 -3.46
C ALA A 48 -2.39 11.35 -3.71
N VAL A 49 -2.38 10.94 -4.97
CA VAL A 49 -1.73 9.70 -5.38
C VAL A 49 -0.29 9.68 -4.89
N ARG A 50 0.38 10.80 -5.10
CA ARG A 50 1.77 10.94 -4.70
C ARG A 50 1.92 10.80 -3.19
N GLN A 51 1.15 11.58 -2.45
CA GLN A 51 1.26 11.61 -1.00
C GLN A 51 0.91 10.28 -0.35
N VAL A 52 -0.08 9.59 -0.91
CA VAL A 52 -0.51 8.32 -0.33
C VAL A 52 0.49 7.23 -0.65
N MET A 53 1.05 7.28 -1.85
CA MET A 53 2.03 6.29 -2.28
C MET A 53 3.33 6.48 -1.50
N GLU A 54 3.66 7.73 -1.22
CA GLU A 54 4.88 8.06 -0.49
C GLU A 54 4.74 7.78 0.99
N ARG A 55 3.50 7.82 1.49
CA ARG A 55 3.26 7.54 2.89
C ARG A 55 3.23 6.03 3.11
N LEU A 56 2.71 5.31 2.12
CA LEU A 56 2.78 3.85 2.11
C LEU A 56 4.24 3.39 2.01
N GLN A 57 5.00 4.08 1.16
CA GLN A 57 6.42 3.77 0.97
C GLN A 57 7.19 3.99 2.28
N LYS A 58 7.10 5.21 2.81
CA LYS A 58 7.81 5.56 4.03
C LYS A 58 7.33 4.69 5.18
N GLY A 59 6.02 4.52 5.28
CA GLY A 59 5.45 3.65 6.28
C GLY A 59 5.98 2.25 6.22
N TRP A 60 6.12 1.72 5.01
CA TRP A 60 6.71 0.40 4.82
C TRP A 60 8.14 0.37 5.37
N SER A 61 8.85 1.47 5.19
CA SER A 61 10.21 1.60 5.69
C SER A 61 10.22 1.72 7.22
N LEU A 62 9.16 2.30 7.77
CA LEU A 62 9.06 2.54 9.21
C LEU A 62 8.59 1.28 9.94
N ALA A 63 7.74 0.51 9.27
CA ALA A 63 7.14 -0.67 9.84
C ALA A 63 8.07 -1.88 9.78
N LYS A 64 9.32 -1.65 9.37
CA LYS A 64 10.32 -2.69 9.35
C LYS A 64 10.69 -3.10 10.78
N GLN B 25 -3.05 13.93 7.58
CA GLN B 25 -3.57 13.89 6.19
C GLN B 25 -4.91 13.17 6.15
N GLU B 26 -5.84 13.70 5.37
CA GLU B 26 -7.19 13.14 5.29
C GLU B 26 -7.27 12.13 4.14
N LEU B 27 -6.11 11.82 3.58
CA LEU B 27 -5.99 10.86 2.49
C LEU B 27 -6.47 9.49 2.94
N THR B 28 -7.35 8.89 2.15
CA THR B 28 -7.88 7.58 2.46
C THR B 28 -7.35 6.55 1.46
N VAL B 29 -6.95 5.41 1.97
CA VAL B 29 -6.35 4.36 1.17
C VAL B 29 -7.33 3.20 0.99
N PRO B 30 -7.46 2.70 -0.25
CA PRO B 30 -8.29 1.53 -0.52
C PRO B 30 -7.59 0.25 -0.06
N TRP B 31 -7.84 -0.10 1.19
CA TRP B 31 -7.18 -1.22 1.82
C TRP B 31 -7.68 -2.55 1.30
N ASP B 32 -8.93 -2.60 0.87
CA ASP B 32 -9.50 -3.83 0.32
C ASP B 32 -8.90 -4.10 -1.05
N ASP B 33 -8.80 -3.06 -1.85
CA ASP B 33 -8.25 -3.18 -3.20
C ASP B 33 -6.77 -3.46 -3.14
N ILE B 34 -6.10 -2.88 -2.16
CA ILE B 34 -4.69 -3.15 -1.94
C ILE B 34 -4.49 -4.59 -1.51
N GLU B 35 -5.29 -5.04 -0.55
CA GLU B 35 -5.24 -6.42 -0.11
C GLU B 35 -5.45 -7.37 -1.29
N ALA B 36 -6.35 -6.99 -2.20
CA ALA B 36 -6.65 -7.81 -3.36
C ALA B 36 -5.47 -7.81 -4.34
N LEU B 37 -4.79 -6.67 -4.42
CA LEU B 37 -3.63 -6.55 -5.29
C LEU B 37 -2.50 -7.43 -4.77
N LEU B 38 -2.29 -7.39 -3.48
CA LEU B 38 -1.25 -8.20 -2.85
C LEU B 38 -1.64 -9.67 -2.84
N LYS B 39 -2.95 -9.93 -2.83
CA LYS B 39 -3.45 -11.29 -2.93
C LYS B 39 -3.09 -11.86 -4.30
N ASN B 40 -3.30 -11.05 -5.32
CA ASN B 40 -2.90 -11.39 -6.67
C ASN B 40 -1.38 -11.50 -6.79
N ASN B 41 -0.69 -10.61 -6.11
CA ASN B 41 0.77 -10.55 -6.15
C ASN B 41 1.39 -11.77 -5.48
N PHE B 42 0.71 -12.27 -4.47
CA PHE B 42 1.18 -13.39 -3.68
C PHE B 42 0.26 -14.59 -3.81
N GLU B 43 -0.36 -14.71 -5.00
CA GLU B 43 -1.10 -15.92 -5.49
C GLU B 43 -0.51 -17.30 -5.11
N ASN B 44 -0.06 -17.42 -3.88
CA ASN B 44 0.54 -18.63 -3.35
C ASN B 44 0.72 -18.49 -1.85
N ASP B 45 1.20 -17.32 -1.44
CA ASP B 45 1.46 -17.05 -0.04
C ASP B 45 0.45 -16.05 0.51
N GLN B 46 -0.69 -16.55 0.94
CA GLN B 46 -1.70 -15.70 1.55
C GLN B 46 -1.16 -15.12 2.84
N ALA B 47 -0.32 -15.91 3.51
CA ALA B 47 0.40 -15.46 4.70
C ALA B 47 1.21 -14.21 4.39
N ALA B 48 1.74 -14.14 3.17
CA ALA B 48 2.53 -13.00 2.76
C ALA B 48 1.62 -11.82 2.47
N VAL B 49 0.47 -12.11 1.85
CA VAL B 49 -0.55 -11.10 1.61
C VAL B 49 -0.92 -10.41 2.93
N ARG B 50 -1.10 -11.23 3.96
CA ARG B 50 -1.45 -10.73 5.28
C ARG B 50 -0.36 -9.82 5.81
N GLN B 51 0.87 -10.32 5.83
CA GLN B 51 1.98 -9.60 6.43
C GLN B 51 2.29 -8.30 5.70
N VAL B 52 2.15 -8.30 4.38
CA VAL B 52 2.47 -7.13 3.59
C VAL B 52 1.37 -6.09 3.76
N MET B 53 0.13 -6.55 3.83
CA MET B 53 -1.01 -5.67 3.98
C MET B 53 -1.00 -5.05 5.37
N GLU B 54 -0.56 -5.82 6.35
CA GLU B 54 -0.52 -5.37 7.73
C GLU B 54 0.67 -4.45 7.97
N ARG B 55 1.71 -4.62 7.18
CA ARG B 55 2.89 -3.76 7.30
C ARG B 55 2.62 -2.43 6.60
N LEU B 56 1.89 -2.48 5.49
CA LEU B 56 1.41 -1.28 4.83
C LEU B 56 0.45 -0.52 5.74
N GLN B 57 -0.43 -1.26 6.40
CA GLN B 57 -1.40 -0.69 7.34
C GLN B 57 -0.69 0.01 8.50
N LYS B 58 0.15 -0.74 9.20
CA LYS B 58 0.87 -0.21 10.35
C LYS B 58 1.78 0.92 9.92
N GLY B 59 2.49 0.71 8.82
CA GLY B 59 3.33 1.73 8.26
C GLY B 59 2.58 3.01 7.97
N TRP B 60 1.39 2.90 7.41
CA TRP B 60 0.54 4.05 7.18
C TRP B 60 0.25 4.78 8.48
N SER B 61 0.07 4.00 9.54
CA SER B 61 -0.19 4.55 10.87
C SER B 61 1.06 5.22 11.43
N LEU B 62 2.22 4.70 11.05
CA LEU B 62 3.50 5.18 11.57
C LEU B 62 3.96 6.42 10.82
N ALA B 63 3.62 6.46 9.53
CA ALA B 63 4.05 7.54 8.65
C ALA B 63 3.16 8.76 8.79
N LYS B 64 2.26 8.75 9.76
CA LYS B 64 1.42 9.90 10.04
C LYS B 64 2.24 11.06 10.60
N GLN A 25 12.07 -8.26 7.08
CA GLN A 25 11.27 -9.08 6.16
C GLN A 25 11.68 -8.81 4.72
N GLU A 26 11.53 -9.82 3.86
CA GLU A 26 11.92 -9.70 2.47
C GLU A 26 10.70 -9.45 1.58
N LEU A 27 9.57 -9.24 2.23
CA LEU A 27 8.31 -9.02 1.53
C LEU A 27 8.42 -7.83 0.59
N THR A 28 8.04 -8.04 -0.65
CA THR A 28 8.11 -7.00 -1.65
C THR A 28 6.73 -6.52 -2.03
N VAL A 29 6.60 -5.21 -2.15
CA VAL A 29 5.32 -4.59 -2.48
C VAL A 29 5.33 -4.09 -3.91
N PRO A 30 4.27 -4.39 -4.69
CA PRO A 30 4.14 -3.87 -6.03
C PRO A 30 3.77 -2.40 -6.01
N TRP A 31 4.79 -1.57 -6.00
CA TRP A 31 4.62 -0.13 -5.89
C TRP A 31 4.08 0.47 -7.17
N ASP A 32 4.32 -0.18 -8.30
CA ASP A 32 3.80 0.30 -9.57
C ASP A 32 2.32 0.00 -9.69
N ASP A 33 1.93 -1.21 -9.32
CA ASP A 33 0.53 -1.61 -9.36
C ASP A 33 -0.27 -0.80 -8.34
N ILE A 34 0.37 -0.55 -7.20
CA ILE A 34 -0.24 0.27 -6.17
C ILE A 34 -0.38 1.71 -6.64
N GLU A 35 0.67 2.25 -7.25
CA GLU A 35 0.61 3.58 -7.82
C GLU A 35 -0.57 3.72 -8.79
N ALA A 36 -0.79 2.69 -9.59
CA ALA A 36 -1.87 2.70 -10.56
C ALA A 36 -3.22 2.61 -9.87
N LEU A 37 -3.26 1.84 -8.77
CA LEU A 37 -4.49 1.67 -8.02
C LEU A 37 -4.88 2.98 -7.34
N LEU A 38 -3.90 3.62 -6.74
CA LEU A 38 -4.12 4.89 -6.06
C LEU A 38 -4.37 6.01 -7.06
N LYS A 39 -3.83 5.85 -8.26
CA LYS A 39 -4.08 6.81 -9.32
C LYS A 39 -5.54 6.72 -9.76
N ASN A 40 -6.05 5.50 -9.79
CA ASN A 40 -7.46 5.26 -10.04
C ASN A 40 -8.31 5.73 -8.87
N ASN A 41 -7.82 5.49 -7.66
CA ASN A 41 -8.53 5.84 -6.43
C ASN A 41 -8.64 7.35 -6.28
N PHE A 42 -7.62 8.03 -6.74
CA PHE A 42 -7.54 9.48 -6.64
C PHE A 42 -7.56 10.11 -8.02
N GLU A 43 -8.28 9.45 -8.94
CA GLU A 43 -8.69 9.98 -10.28
C GLU A 43 -9.11 11.46 -10.33
N ASN A 44 -8.38 12.30 -9.62
CA ASN A 44 -8.64 13.73 -9.54
C ASN A 44 -7.50 14.39 -8.78
N ASP A 45 -7.09 13.75 -7.70
CA ASP A 45 -6.00 14.25 -6.87
C ASP A 45 -4.74 13.42 -7.08
N GLN A 46 -4.04 13.69 -8.16
CA GLN A 46 -2.78 13.01 -8.46
C GLN A 46 -1.73 13.39 -7.43
N ALA A 47 -1.96 14.54 -6.83
CA ALA A 47 -1.11 15.01 -5.74
C ALA A 47 -1.30 14.12 -4.53
N ALA A 48 -2.50 13.57 -4.41
CA ALA A 48 -2.82 12.68 -3.32
C ALA A 48 -2.28 11.31 -3.61
N VAL A 49 -2.31 10.92 -4.89
CA VAL A 49 -1.70 9.67 -5.33
C VAL A 49 -0.23 9.63 -4.88
N ARG A 50 0.44 10.74 -5.13
CA ARG A 50 1.84 10.88 -4.74
C ARG A 50 2.00 10.77 -3.23
N GLN A 51 1.22 11.57 -2.51
CA GLN A 51 1.31 11.63 -1.05
C GLN A 51 1.02 10.27 -0.40
N VAL A 52 0.04 9.55 -0.94
CA VAL A 52 -0.37 8.29 -0.33
C VAL A 52 0.66 7.21 -0.63
N MET A 53 1.21 7.24 -1.83
CA MET A 53 2.21 6.26 -2.22
C MET A 53 3.48 6.47 -1.40
N GLU A 54 3.82 7.72 -1.16
CA GLU A 54 5.03 8.05 -0.41
C GLU A 54 4.84 7.75 1.07
N ARG A 55 3.59 7.83 1.53
CA ARG A 55 3.31 7.56 2.92
C ARG A 55 3.33 6.05 3.16
N LEU A 56 2.83 5.31 2.18
CA LEU A 56 2.90 3.85 2.20
C LEU A 56 4.35 3.37 2.15
N GLN A 57 5.16 4.01 1.31
CA GLN A 57 6.57 3.64 1.17
C GLN A 57 7.34 3.97 2.45
N LYS A 58 7.14 5.19 2.95
CA LYS A 58 7.77 5.63 4.18
C LYS A 58 7.36 4.72 5.33
N GLY A 59 6.06 4.53 5.46
CA GLY A 59 5.52 3.66 6.47
C GLY A 59 6.06 2.24 6.37
N TRP A 60 6.20 1.74 5.16
CA TRP A 60 6.77 0.42 4.93
C TRP A 60 8.18 0.36 5.50
N SER A 61 8.92 1.46 5.32
CA SER A 61 10.29 1.56 5.82
C SER A 61 10.30 1.75 7.34
N LEU A 62 9.19 2.25 7.89
CA LEU A 62 9.09 2.47 9.32
C LEU A 62 8.63 1.21 10.05
N ALA A 63 7.77 0.44 9.39
CA ALA A 63 7.15 -0.72 9.99
C ALA A 63 8.08 -1.93 10.01
N LYS A 64 9.31 -1.75 9.58
CA LYS A 64 10.29 -2.83 9.61
C LYS A 64 10.58 -3.26 11.05
N GLN B 25 -2.99 13.84 7.95
CA GLN B 25 -3.57 13.82 6.59
C GLN B 25 -4.85 13.02 6.58
N GLU B 26 -5.76 13.37 5.67
CA GLU B 26 -7.05 12.69 5.58
C GLU B 26 -7.06 11.69 4.44
N LEU B 27 -5.89 11.49 3.85
CA LEU B 27 -5.74 10.60 2.72
C LEU B 27 -6.21 9.20 3.08
N THR B 28 -7.06 8.63 2.24
CA THR B 28 -7.61 7.32 2.49
C THR B 28 -7.03 6.32 1.49
N VAL B 29 -6.69 5.15 2.00
CA VAL B 29 -6.11 4.11 1.17
C VAL B 29 -7.12 2.99 0.94
N PRO B 30 -7.28 2.55 -0.30
CA PRO B 30 -8.15 1.41 -0.61
C PRO B 30 -7.51 0.11 -0.16
N TRP B 31 -7.76 -0.26 1.08
CA TRP B 31 -7.16 -1.43 1.68
C TRP B 31 -7.73 -2.72 1.12
N ASP B 32 -8.95 -2.65 0.61
CA ASP B 32 -9.57 -3.84 0.03
C ASP B 32 -8.98 -4.11 -1.35
N ASP B 33 -8.86 -3.04 -2.14
CA ASP B 33 -8.29 -3.17 -3.48
C ASP B 33 -6.83 -3.55 -3.38
N ILE B 34 -6.15 -3.01 -2.37
CA ILE B 34 -4.77 -3.35 -2.12
C ILE B 34 -4.63 -4.80 -1.68
N GLU B 35 -5.50 -5.23 -0.77
CA GLU B 35 -5.54 -6.62 -0.34
C GLU B 35 -5.67 -7.56 -1.54
N ALA B 36 -6.51 -7.18 -2.48
CA ALA B 36 -6.73 -7.98 -3.67
C ALA B 36 -5.51 -7.97 -4.57
N LEU B 37 -4.83 -6.83 -4.63
CA LEU B 37 -3.64 -6.67 -5.44
C LEU B 37 -2.52 -7.52 -4.89
N LEU B 38 -2.33 -7.46 -3.59
CA LEU B 38 -1.30 -8.23 -2.91
C LEU B 38 -1.65 -9.71 -2.90
N LYS B 39 -2.93 -10.01 -2.93
CA LYS B 39 -3.37 -11.40 -3.01
C LYS B 39 -3.01 -11.97 -4.37
N ASN B 40 -3.13 -11.15 -5.40
CA ASN B 40 -2.67 -11.49 -6.73
C ASN B 40 -1.15 -11.55 -6.79
N ASN B 41 -0.51 -10.61 -6.11
CA ASN B 41 0.94 -10.49 -6.11
C ASN B 41 1.57 -11.68 -5.39
N PHE B 42 0.89 -12.17 -4.39
CA PHE B 42 1.35 -13.27 -3.58
C PHE B 42 0.44 -14.48 -3.74
N GLU B 43 -0.12 -14.61 -4.95
CA GLU B 43 -0.82 -15.82 -5.46
C GLU B 43 -0.20 -17.19 -5.08
N ASN B 44 0.24 -17.31 -3.85
CA ASN B 44 0.86 -18.51 -3.32
C ASN B 44 1.09 -18.33 -1.83
N ASP B 45 1.56 -17.15 -1.46
CA ASP B 45 1.81 -16.83 -0.07
C ASP B 45 0.74 -15.88 0.46
N GLN B 46 -0.42 -16.44 0.81
CA GLN B 46 -1.51 -15.65 1.38
C GLN B 46 -1.10 -15.12 2.75
N ALA B 47 -0.14 -15.83 3.34
CA ALA B 47 0.43 -15.44 4.61
C ALA B 47 1.23 -14.16 4.43
N ALA B 48 1.79 -14.02 3.23
CA ALA B 48 2.56 -12.84 2.90
C ALA B 48 1.64 -11.70 2.55
N VAL B 49 0.51 -12.03 1.92
CA VAL B 49 -0.53 -11.05 1.64
C VAL B 49 -0.94 -10.36 2.94
N ARG B 50 -1.15 -11.17 3.96
CA ARG B 50 -1.52 -10.68 5.28
C ARG B 50 -0.42 -9.81 5.86
N GLN B 51 0.80 -10.33 5.86
CA GLN B 51 1.94 -9.62 6.44
C GLN B 51 2.20 -8.29 5.75
N VAL B 52 2.07 -8.25 4.44
CA VAL B 52 2.40 -7.04 3.69
C VAL B 52 1.31 -6.01 3.87
N MET B 53 0.06 -6.46 3.93
CA MET B 53 -1.06 -5.56 4.13
C MET B 53 -1.00 -4.95 5.52
N GLU B 54 -0.60 -5.75 6.49
CA GLU B 54 -0.52 -5.29 7.87
C GLU B 54 0.67 -4.37 8.06
N ARG B 55 1.71 -4.56 7.26
CA ARG B 55 2.90 -3.74 7.34
C ARG B 55 2.62 -2.39 6.71
N LEU B 56 1.88 -2.41 5.60
CA LEU B 56 1.41 -1.20 4.95
C LEU B 56 0.48 -0.40 5.86
N GLN B 57 -0.41 -1.10 6.55
CA GLN B 57 -1.35 -0.44 7.46
C GLN B 57 -0.62 0.16 8.66
N LYS B 58 0.23 -0.65 9.27
CA LYS B 58 1.03 -0.22 10.40
C LYS B 58 1.89 0.97 10.00
N GLY B 59 2.61 0.80 8.91
CA GLY B 59 3.44 1.86 8.38
C GLY B 59 2.67 3.12 8.07
N TRP B 60 1.47 2.97 7.54
CA TRP B 60 0.61 4.12 7.27
C TRP B 60 0.31 4.86 8.56
N SER B 61 0.12 4.11 9.63
CA SER B 61 -0.16 4.67 10.94
C SER B 61 1.12 5.27 11.55
N LEU B 62 2.27 4.81 11.09
CA LEU B 62 3.55 5.30 11.59
C LEU B 62 3.99 6.54 10.85
N ALA B 63 3.68 6.59 9.56
CA ALA B 63 4.14 7.65 8.68
C ALA B 63 3.31 8.93 8.83
N LYS B 64 2.38 8.94 9.78
CA LYS B 64 1.59 10.13 10.03
C LYS B 64 2.46 11.27 10.52
#